data_4FOY
#
_entry.id   4FOY
#
_cell.length_a   76.318
_cell.length_b   82.596
_cell.length_c   117.019
_cell.angle_alpha   90.000
_cell.angle_beta   90.000
_cell.angle_gamma   90.000
#
_symmetry.space_group_name_H-M   'P 21 21 21'
#
loop_
_entity.id
_entity.type
_entity.pdbx_description
1 polymer 'Sialidase B'
2 non-polymer '2-(benzylamino)ethanesulfonic acid'
3 non-polymer 'DIMETHYL SULFOXIDE'
4 water water
#
_entity_poly.entity_id   1
_entity_poly.type   'polypeptide(L)'
_entity_poly.pdbx_seq_one_letter_code
;MNKRGLYSKLGISVVGISLLMGVPTLIHANELNYGQLSISPIFQGGSYQLNNKSIDISSLLLDKLSGESQTVVMKFKADK
PNSLQALFGLSNSKAGFKNNYFSIFMRDSGEIGVEIRDAQKGINYLFSRPASLWGKHKGQAVENTLVFVSDSKDKTYTMY
VNGIEVFSETVDTFLPISNINGIDKATLGAVNREGKEHYLAKGSIDEISLFNKAISDQEVSTIPLSNPFQLIFQSGDSTQ
ANYFRIPTLYTLSSGRVLSSIDARYGGTHDSKSKINIATSYSDDNGKTWSEPIFAMKFNDYEEQLVYWPRDNKLKNSQIS
GSASFIDSSIVEDKKSGKTILLADVMPAGIGNNNANKADSGFKEINGHYYLKLKKNGDNDFRYTVRENGVVYNETTNKPT
NYTINDKYEVLEGGKSLTVEQYSVDFDSGSLRERHNGKQVPMNVFYKDSLFKVTPTNYIAMTTSQNRGESWEQFKLLPPF
LGEKHNGTYLCPGQGLALKSSNRLIFATYTSGELTYLISDDSGQTWKKSSASIPFKNATAEAQMVELRDGVIRTFFRTTT
GKIAYMTSRDSGETWSKVSYIDGIQQTSYGTQVSAIKYSQLIDGKEAVILSTPNSRSGRKGGQLVVGLVNKEDDSIDWKY
HYDIDLPSYGYAYSAITELPNHHIGVLFEKYDSWSRNELHLSNVVQYIDLEINDLTK
;
_entity_poly.pdbx_strand_id   A
#
# COMPACT_ATOMS: atom_id res chain seq x y z
N ILE A 39 33.29 -12.76 8.46
CA ILE A 39 34.65 -12.26 8.33
C ILE A 39 34.71 -10.77 8.68
N SER A 40 35.92 -10.27 8.96
CA SER A 40 36.09 -8.87 9.33
C SER A 40 36.29 -8.03 8.07
N PRO A 41 36.04 -6.71 8.15
CA PRO A 41 36.16 -5.88 6.95
C PRO A 41 37.60 -5.62 6.53
N ILE A 42 37.80 -5.37 5.23
CA ILE A 42 39.12 -5.03 4.70
C ILE A 42 39.35 -3.54 4.83
N PHE A 43 38.28 -2.80 5.05
CA PHE A 43 38.35 -1.36 5.22
C PHE A 43 37.16 -0.92 6.04
N GLN A 44 37.38 0.03 6.94
CA GLN A 44 36.33 0.57 7.77
C GLN A 44 36.64 2.01 8.12
N GLY A 45 35.70 2.90 7.83
CA GLY A 45 35.88 4.32 8.09
C GLY A 45 34.56 4.94 8.48
N GLY A 46 34.61 6.17 8.96
CA GLY A 46 33.38 6.82 9.35
C GLY A 46 33.51 8.30 9.63
N SER A 47 32.38 8.91 9.99
CA SER A 47 32.29 10.34 10.23
C SER A 47 32.74 11.15 9.01
N TYR A 48 32.29 10.77 7.83
CA TYR A 48 32.60 11.54 6.62
C TYR A 48 31.48 12.51 6.29
N GLN A 49 31.81 13.80 6.21
CA GLN A 49 30.80 14.79 5.82
C GLN A 49 30.93 15.03 4.33
N LEU A 50 29.84 14.85 3.60
CA LEU A 50 29.84 15.04 2.16
C LEU A 50 29.19 16.39 1.85
N ASN A 51 30.01 17.43 1.71
CA ASN A 51 29.50 18.76 1.50
C ASN A 51 29.83 19.27 0.10
N ASN A 52 29.28 18.61 -0.91
CA ASN A 52 29.58 18.93 -2.29
C ASN A 52 31.07 18.99 -2.56
N LYS A 53 31.78 18.04 -1.98
CA LYS A 53 33.21 17.91 -2.20
C LYS A 53 33.61 16.49 -1.85
N SER A 54 34.07 15.76 -2.86
CA SER A 54 34.39 14.35 -2.67
C SER A 54 35.58 14.14 -1.74
N ILE A 55 35.61 12.95 -1.14
CA ILE A 55 36.71 12.54 -0.27
C ILE A 55 37.42 11.37 -0.92
N ASP A 56 38.74 11.48 -1.06
CA ASP A 56 39.52 10.43 -1.68
C ASP A 56 39.96 9.40 -0.65
N ILE A 57 39.57 8.14 -0.83
CA ILE A 57 40.02 7.08 0.05
C ILE A 57 40.77 6.00 -0.70
N SER A 58 41.34 6.36 -1.86
CA SER A 58 42.06 5.43 -2.71
C SER A 58 43.19 4.70 -1.98
N SER A 59 44.04 5.48 -1.32
CA SER A 59 45.22 4.91 -0.66
C SER A 59 44.82 3.96 0.46
N LEU A 60 43.70 4.25 1.11
CA LEU A 60 43.19 3.41 2.19
C LEU A 60 42.55 2.11 1.69
N LEU A 61 41.90 2.17 0.54
CA LEU A 61 41.02 1.07 0.11
C LEU A 61 41.50 0.22 -1.08
N LEU A 62 42.04 0.86 -2.11
CA LEU A 62 42.22 0.15 -3.39
C LEU A 62 43.07 -1.12 -3.31
N ASP A 63 44.19 -1.06 -2.60
CA ASP A 63 45.05 -2.23 -2.50
C ASP A 63 44.56 -3.25 -1.48
N LYS A 64 43.38 -3.00 -0.91
CA LYS A 64 42.77 -3.95 0.02
C LYS A 64 41.77 -4.84 -0.73
N LEU A 65 41.27 -4.34 -1.86
CA LEU A 65 40.29 -5.07 -2.66
C LEU A 65 40.93 -6.27 -3.35
N SER A 66 40.35 -7.45 -3.17
CA SER A 66 40.90 -8.65 -3.80
C SER A 66 39.82 -9.72 -3.98
N GLY A 67 39.95 -10.50 -5.04
CA GLY A 67 38.94 -11.49 -5.37
C GLY A 67 37.77 -10.81 -6.06
N GLU A 68 36.80 -11.59 -6.50
CA GLU A 68 35.76 -11.07 -7.38
C GLU A 68 34.43 -10.79 -6.69
N SER A 69 34.35 -11.09 -5.39
CA SER A 69 33.12 -10.88 -4.62
C SER A 69 33.35 -9.83 -3.53
N GLN A 70 32.39 -8.93 -3.36
CA GLN A 70 32.53 -7.86 -2.38
C GLN A 70 31.20 -7.48 -1.74
N THR A 71 31.27 -7.00 -0.51
CA THR A 71 30.10 -6.45 0.16
C THR A 71 30.43 -5.06 0.68
N VAL A 72 29.53 -4.11 0.44
CA VAL A 72 29.66 -2.75 0.96
C VAL A 72 28.56 -2.53 2.00
N VAL A 73 28.95 -2.07 3.19
CA VAL A 73 27.98 -1.75 4.23
C VAL A 73 28.14 -0.28 4.58
N MET A 74 27.08 0.49 4.41
CA MET A 74 27.20 1.94 4.58
C MET A 74 26.03 2.48 5.37
N LYS A 75 26.33 3.20 6.45
CA LYS A 75 25.32 3.93 7.21
C LYS A 75 25.45 5.41 6.86
N PHE A 76 24.40 6.00 6.30
CA PHE A 76 24.52 7.34 5.76
C PHE A 76 23.27 8.15 5.98
N LYS A 77 23.45 9.47 5.98
CA LYS A 77 22.33 10.40 6.07
C LYS A 77 22.33 11.28 4.85
N ALA A 78 21.13 11.61 4.37
CA ALA A 78 20.99 12.62 3.33
C ALA A 78 19.61 13.23 3.48
N ASP A 79 19.55 14.33 4.22
CA ASP A 79 18.27 14.99 4.43
C ASP A 79 18.10 16.20 3.54
N LYS A 80 19.17 16.54 2.81
CA LYS A 80 19.14 17.61 1.81
C LYS A 80 19.87 17.19 0.55
N PRO A 81 19.48 16.05 -0.05
CA PRO A 81 20.27 15.55 -1.17
C PRO A 81 20.16 16.41 -2.43
N ASN A 82 21.19 16.35 -3.26
CA ASN A 82 21.12 16.88 -4.62
C ASN A 82 20.22 15.99 -5.46
N SER A 83 19.88 16.42 -6.68
CA SER A 83 18.96 15.67 -7.56
C SER A 83 19.45 14.25 -7.82
N LEU A 84 20.74 14.12 -8.07
CA LEU A 84 21.37 12.82 -8.34
C LEU A 84 22.76 12.88 -7.76
N GLN A 85 23.07 11.98 -6.84
CA GLN A 85 24.39 12.01 -6.21
C GLN A 85 24.97 10.62 -5.91
N ALA A 86 26.29 10.49 -6.07
CA ALA A 86 26.95 9.24 -5.74
C ALA A 86 27.46 9.27 -4.29
N LEU A 87 27.15 8.21 -3.55
CA LEU A 87 27.65 8.06 -2.20
C LEU A 87 29.06 7.49 -2.20
N PHE A 88 29.29 6.54 -3.10
CA PHE A 88 30.54 5.80 -3.15
C PHE A 88 30.90 5.50 -4.60
N GLY A 89 32.18 5.66 -4.94
CA GLY A 89 32.63 5.38 -6.30
C GLY A 89 33.95 4.64 -6.32
N LEU A 90 34.08 3.73 -7.29
CA LEU A 90 35.38 3.18 -7.71
C LEU A 90 35.49 3.48 -9.19
N SER A 91 36.52 4.20 -9.59
CA SER A 91 36.59 4.61 -10.99
C SER A 91 38.00 4.55 -11.58
N ASN A 92 38.02 4.44 -12.90
CA ASN A 92 39.19 4.79 -13.70
C ASN A 92 39.08 6.28 -13.99
N SER A 93 39.98 7.07 -13.40
CA SER A 93 39.86 8.53 -13.47
C SER A 93 40.59 9.09 -14.68
N LYS A 94 41.14 8.21 -15.50
CA LYS A 94 42.00 8.64 -16.61
C LYS A 94 41.24 9.12 -17.85
N ALA A 95 41.87 10.01 -18.61
CA ALA A 95 41.30 10.50 -19.87
C ALA A 95 40.94 9.34 -20.79
N GLY A 96 39.73 9.36 -21.34
CA GLY A 96 39.30 8.32 -22.28
C GLY A 96 38.60 7.13 -21.65
N PHE A 97 38.48 7.14 -20.32
CA PHE A 97 37.85 6.02 -19.60
C PHE A 97 36.75 6.49 -18.66
N LYS A 98 35.96 7.46 -19.12
CA LYS A 98 34.94 8.07 -18.27
C LYS A 98 33.79 7.12 -18.00
N ASN A 99 33.69 6.06 -18.79
CA ASN A 99 32.63 5.08 -18.60
C ASN A 99 33.14 3.79 -17.95
N ASN A 100 34.23 3.92 -17.20
CA ASN A 100 34.76 2.81 -16.44
C ASN A 100 34.67 3.09 -14.96
N TYR A 101 33.53 2.77 -14.36
CA TYR A 101 33.37 3.00 -12.92
C TYR A 101 32.26 2.16 -12.30
N PHE A 102 32.37 1.98 -10.99
CA PHE A 102 31.29 1.46 -10.17
C PHE A 102 30.83 2.59 -9.25
N SER A 103 29.53 2.70 -9.04
CA SER A 103 29.04 3.72 -8.13
C SER A 103 27.81 3.22 -7.39
N ILE A 104 27.63 3.69 -6.16
CA ILE A 104 26.36 3.56 -5.47
C ILE A 104 25.77 4.96 -5.46
N PHE A 105 24.59 5.14 -6.07
CA PHE A 105 24.03 6.48 -6.18
C PHE A 105 22.62 6.53 -5.60
N MET A 106 22.13 7.74 -5.37
CA MET A 106 20.75 7.95 -4.94
C MET A 106 20.17 9.15 -5.67
N ARG A 107 18.84 9.25 -5.70
CA ARG A 107 18.18 10.42 -6.26
C ARG A 107 17.40 11.13 -5.17
N ASP A 108 17.06 12.39 -5.39
CA ASP A 108 16.24 13.11 -4.41
C ASP A 108 14.79 12.61 -4.36
N SER A 109 14.44 11.67 -5.25
CA SER A 109 13.16 10.96 -5.13
C SER A 109 13.20 9.86 -4.08
N GLY A 110 14.40 9.53 -3.57
CA GLY A 110 14.56 8.43 -2.63
C GLY A 110 14.99 7.13 -3.28
N GLU A 111 15.18 7.16 -4.59
CA GLU A 111 15.68 6.02 -5.34
C GLU A 111 17.15 5.71 -4.98
N ILE A 112 17.48 4.43 -4.91
CA ILE A 112 18.85 3.98 -4.70
C ILE A 112 19.26 3.07 -5.87
N GLY A 113 20.54 3.09 -6.23
CA GLY A 113 20.98 2.20 -7.29
C GLY A 113 22.48 2.05 -7.39
N VAL A 114 22.92 1.22 -8.34
CA VAL A 114 24.35 1.14 -8.65
C VAL A 114 24.56 1.21 -10.15
N GLU A 115 25.75 1.64 -10.54
CA GLU A 115 26.18 1.49 -11.92
C GLU A 115 27.46 0.66 -11.88
N ILE A 116 27.61 -0.24 -12.84
CA ILE A 116 28.82 -1.05 -12.94
C ILE A 116 29.19 -1.06 -14.41
N ARG A 117 30.27 -0.35 -14.76
CA ARG A 117 30.56 0.00 -16.15
C ARG A 117 32.01 -0.25 -16.51
N ASP A 118 32.21 -0.88 -17.66
CA ASP A 118 33.56 -1.14 -18.18
C ASP A 118 33.42 -1.13 -19.70
N ALA A 119 33.97 -0.10 -20.34
CA ALA A 119 33.79 0.07 -21.78
C ALA A 119 34.50 -1.01 -22.59
N GLN A 120 35.66 -1.43 -22.11
CA GLN A 120 36.42 -2.47 -22.81
C GLN A 120 35.66 -3.80 -22.84
N LYS A 121 34.99 -4.12 -21.73
CA LYS A 121 34.20 -5.34 -21.62
C LYS A 121 32.83 -5.18 -22.28
N GLY A 122 32.46 -3.94 -22.59
CA GLY A 122 31.17 -3.66 -23.22
C GLY A 122 30.01 -3.84 -22.26
N ILE A 123 30.26 -3.51 -20.99
CA ILE A 123 29.26 -3.70 -19.94
C ILE A 123 28.84 -2.36 -19.33
N ASN A 124 27.53 -2.13 -19.26
CA ASN A 124 27.00 -0.94 -18.61
C ASN A 124 25.76 -1.33 -17.82
N TYR A 125 25.99 -1.86 -16.62
CA TYR A 125 24.88 -2.31 -15.77
C TYR A 125 24.36 -1.14 -14.96
N LEU A 126 23.03 -1.06 -14.84
CA LEU A 126 22.37 -0.07 -14.00
C LEU A 126 21.26 -0.81 -13.31
N PHE A 127 21.35 -0.92 -11.99
CA PHE A 127 20.27 -1.54 -11.21
C PHE A 127 19.81 -0.53 -10.18
N SER A 128 18.51 -0.41 -9.98
CA SER A 128 18.04 0.56 -9.00
C SER A 128 16.64 0.23 -8.53
N ARG A 129 16.23 0.83 -7.42
CA ARG A 129 14.80 0.84 -7.08
C ARG A 129 14.35 2.18 -6.51
N PRO A 130 13.24 2.72 -7.04
CA PRO A 130 12.71 3.95 -6.47
C PRO A 130 12.29 3.77 -5.02
N ALA A 131 12.09 4.88 -4.31
CA ALA A 131 11.48 4.86 -2.98
C ALA A 131 12.12 3.85 -2.02
N SER A 132 13.45 3.92 -1.90
CA SER A 132 14.17 2.99 -1.02
C SER A 132 14.72 3.62 0.24
N LEU A 133 14.61 4.95 0.35
CA LEU A 133 15.30 5.68 1.43
C LEU A 133 14.39 6.46 2.37
N TRP A 134 14.92 6.76 3.56
CA TRP A 134 14.34 7.76 4.44
C TRP A 134 15.24 8.99 4.46
N GLY A 135 14.64 10.17 4.71
CA GLY A 135 15.41 11.41 4.75
C GLY A 135 15.46 11.97 6.16
N LYS A 136 14.28 12.27 6.70
CA LYS A 136 14.13 12.84 8.05
C LYS A 136 12.98 12.20 8.78
N HIS A 137 13.07 12.16 10.10
CA HIS A 137 12.00 11.65 10.96
C HIS A 137 12.02 12.47 12.24
N LYS A 138 10.88 13.06 12.60
CA LYS A 138 10.79 13.97 13.74
C LYS A 138 11.84 15.09 13.65
N GLY A 139 12.03 15.61 12.45
CA GLY A 139 12.96 16.71 12.22
C GLY A 139 14.42 16.38 12.47
N GLN A 140 14.80 15.12 12.29
CA GLN A 140 16.19 14.71 12.42
C GLN A 140 16.55 13.82 11.26
N ALA A 141 17.74 14.00 10.69
CA ALA A 141 18.20 13.15 9.59
C ALA A 141 18.26 11.68 10.01
N VAL A 142 17.70 10.82 9.17
CA VAL A 142 17.64 9.38 9.43
C VAL A 142 18.93 8.70 8.98
N GLU A 143 19.45 7.81 9.82
CA GLU A 143 20.60 7.02 9.43
C GLU A 143 20.09 5.80 8.67
N ASN A 144 20.28 5.80 7.34
CA ASN A 144 19.93 4.66 6.50
C ASN A 144 21.04 3.63 6.53
N THR A 145 20.68 2.35 6.52
CA THR A 145 21.69 1.29 6.52
C THR A 145 21.65 0.57 5.19
N LEU A 146 22.68 0.77 4.39
CA LEU A 146 22.73 0.19 3.05
C LEU A 146 23.70 -0.98 3.01
N VAL A 147 23.29 -2.09 2.40
CA VAL A 147 24.16 -3.24 2.25
C VAL A 147 24.12 -3.67 0.80
N PHE A 148 25.26 -3.60 0.12
CA PHE A 148 25.30 -4.02 -1.28
C PHE A 148 26.21 -5.25 -1.40
N VAL A 149 25.66 -6.31 -1.99
CA VAL A 149 26.39 -7.57 -2.13
C VAL A 149 26.65 -7.89 -3.61
N SER A 150 27.92 -8.07 -3.95
CA SER A 150 28.35 -8.40 -5.31
C SER A 150 28.98 -9.79 -5.29
N ASP A 151 28.23 -10.77 -5.80
CA ASP A 151 28.53 -12.19 -5.64
C ASP A 151 28.95 -12.80 -6.97
N SER A 152 30.23 -13.07 -7.14
CA SER A 152 30.75 -13.59 -8.40
C SER A 152 30.36 -15.04 -8.65
N LYS A 153 30.16 -15.80 -7.59
CA LYS A 153 29.84 -17.23 -7.74
C LYS A 153 28.43 -17.41 -8.30
N ASP A 154 27.47 -16.67 -7.75
CA ASP A 154 26.09 -16.74 -8.20
C ASP A 154 25.81 -15.69 -9.27
N LYS A 155 26.81 -14.88 -9.58
CA LYS A 155 26.69 -13.81 -10.58
C LYS A 155 25.50 -12.90 -10.29
N THR A 156 25.38 -12.50 -9.03
CA THR A 156 24.23 -11.74 -8.58
C THR A 156 24.63 -10.48 -7.82
N TYR A 157 23.91 -9.38 -8.08
CA TYR A 157 24.09 -8.15 -7.32
C TYR A 157 22.82 -7.91 -6.52
N THR A 158 22.96 -7.71 -5.22
CA THR A 158 21.80 -7.55 -4.34
C THR A 158 21.96 -6.33 -3.49
N MET A 159 20.89 -5.53 -3.37
CA MET A 159 20.93 -4.32 -2.56
C MET A 159 19.87 -4.38 -1.48
N TYR A 160 20.27 -4.08 -0.25
CA TYR A 160 19.34 -3.94 0.87
C TYR A 160 19.44 -2.50 1.40
N VAL A 161 18.31 -1.91 1.76
CA VAL A 161 18.35 -0.64 2.49
C VAL A 161 17.39 -0.73 3.66
N ASN A 162 17.87 -0.38 4.85
CA ASN A 162 17.06 -0.40 6.06
C ASN A 162 16.39 -1.74 6.34
N GLY A 163 17.10 -2.81 6.00
CA GLY A 163 16.64 -4.15 6.31
C GLY A 163 15.70 -4.71 5.25
N ILE A 164 15.64 -4.03 4.12
CA ILE A 164 14.71 -4.42 3.06
C ILE A 164 15.47 -4.65 1.77
N GLU A 165 15.26 -5.82 1.17
CA GLU A 165 15.87 -6.11 -0.12
C GLU A 165 15.14 -5.34 -1.20
N VAL A 166 15.85 -4.46 -1.89
CA VAL A 166 15.20 -3.59 -2.88
C VAL A 166 15.48 -4.04 -4.30
N PHE A 167 16.59 -4.74 -4.51
CA PHE A 167 16.77 -5.46 -5.78
C PHE A 167 17.76 -6.62 -5.68
N SER A 168 17.59 -7.60 -6.56
CA SER A 168 18.53 -8.70 -6.68
C SER A 168 18.55 -9.10 -8.15
N GLU A 169 19.70 -8.95 -8.78
CA GLU A 169 19.78 -9.16 -10.22
C GLU A 169 20.90 -10.13 -10.57
N THR A 170 20.55 -11.18 -11.29
CA THR A 170 21.54 -12.15 -11.79
C THR A 170 21.85 -11.77 -13.25
N VAL A 171 23.13 -11.88 -13.63
CA VAL A 171 23.56 -11.54 -14.98
C VAL A 171 24.31 -12.71 -15.60
N ASP A 172 24.34 -12.76 -16.93
CA ASP A 172 25.07 -13.80 -17.64
C ASP A 172 26.57 -13.56 -17.55
N THR A 173 26.97 -12.30 -17.79
CA THR A 173 28.37 -11.91 -17.70
C THR A 173 28.60 -11.05 -16.45
N PHE A 174 29.19 -11.66 -15.43
CA PHE A 174 29.41 -10.93 -14.18
C PHE A 174 30.58 -9.96 -14.32
N LEU A 175 30.42 -8.77 -13.73
CA LEU A 175 31.50 -7.80 -13.64
C LEU A 175 31.82 -7.51 -12.18
N PRO A 176 32.94 -8.05 -11.67
CA PRO A 176 33.36 -7.75 -10.30
C PRO A 176 33.62 -6.24 -10.16
N ILE A 177 33.21 -5.64 -9.05
CA ILE A 177 33.18 -4.17 -8.98
C ILE A 177 34.54 -3.50 -8.99
N SER A 178 35.58 -4.26 -8.65
CA SER A 178 36.94 -3.73 -8.67
C SER A 178 37.75 -4.32 -9.81
N ASN A 179 37.07 -5.06 -10.69
CA ASN A 179 37.71 -5.61 -11.89
C ASN A 179 37.51 -4.72 -13.11
N ILE A 180 36.97 -3.53 -12.89
CA ILE A 180 36.81 -2.55 -13.96
C ILE A 180 38.20 -2.14 -14.44
N ASN A 181 38.37 -2.12 -15.77
CA ASN A 181 39.67 -1.85 -16.37
CA ASN A 181 39.67 -1.85 -16.36
C ASN A 181 40.26 -0.51 -15.94
N GLY A 182 41.41 -0.57 -15.27
CA GLY A 182 42.14 0.62 -14.87
C GLY A 182 41.62 1.44 -13.69
N ILE A 183 40.82 0.83 -12.81
CA ILE A 183 40.38 1.55 -11.62
C ILE A 183 41.59 2.10 -10.87
N ASP A 184 41.55 3.40 -10.54
CA ASP A 184 42.64 4.03 -9.80
C ASP A 184 42.15 5.01 -8.73
N LYS A 185 40.83 5.08 -8.52
CA LYS A 185 40.26 5.97 -7.51
CA LYS A 185 40.27 5.96 -7.50
C LYS A 185 39.14 5.29 -6.72
N ALA A 186 39.16 5.49 -5.39
CA ALA A 186 38.04 5.10 -4.53
C ALA A 186 37.56 6.39 -3.88
N THR A 187 36.28 6.70 -4.04
CA THR A 187 35.78 8.03 -3.76
C THR A 187 34.49 8.01 -2.94
N LEU A 188 34.38 8.90 -1.96
CA LEU A 188 33.11 9.09 -1.26
C LEU A 188 32.49 10.41 -1.71
N GLY A 189 31.20 10.40 -2.03
CA GLY A 189 30.50 11.63 -2.33
C GLY A 189 30.68 12.17 -3.75
N ALA A 190 31.23 11.34 -4.64
CA ALA A 190 31.31 11.65 -6.07
C ALA A 190 31.81 10.43 -6.81
N VAL A 191 31.83 10.50 -8.13
CA VAL A 191 32.62 9.58 -8.95
C VAL A 191 33.60 10.41 -9.74
N ASN A 192 34.88 10.06 -9.64
CA ASN A 192 35.93 10.78 -10.37
C ASN A 192 36.00 10.27 -11.79
N ARG A 193 35.60 11.11 -12.74
CA ARG A 193 35.66 10.75 -14.15
C ARG A 193 36.55 11.75 -14.87
N GLU A 194 37.62 11.23 -15.49
CA GLU A 194 38.57 12.07 -16.23
C GLU A 194 39.07 13.25 -15.37
N GLY A 195 39.25 12.97 -14.08
CA GLY A 195 39.81 13.94 -13.16
C GLY A 195 38.83 14.92 -12.53
N LYS A 196 37.55 14.79 -12.86
CA LYS A 196 36.55 15.71 -12.33
C LYS A 196 35.47 15.01 -11.51
N GLU A 197 34.87 15.75 -10.57
CA GLU A 197 33.86 15.21 -9.67
C GLU A 197 32.46 15.20 -10.30
N HIS A 198 31.94 14.01 -10.59
CA HIS A 198 30.58 13.87 -11.11
C HIS A 198 29.68 13.38 -10.00
N TYR A 199 28.39 13.70 -10.08
CA TYR A 199 27.41 13.22 -9.10
C TYR A 199 27.77 13.63 -7.66
N LEU A 200 28.20 14.89 -7.49
CA LEU A 200 28.57 15.39 -6.17
C LEU A 200 27.44 15.24 -5.16
N ALA A 201 27.77 14.75 -3.96
CA ALA A 201 26.77 14.49 -2.94
C ALA A 201 26.74 15.53 -1.82
N LYS A 202 25.54 15.77 -1.29
CA LYS A 202 25.35 16.44 -0.02
C LYS A 202 24.77 15.42 0.96
N GLY A 203 25.48 15.16 2.05
CA GLY A 203 25.02 14.25 3.09
C GLY A 203 26.17 13.87 3.98
N SER A 204 26.08 12.72 4.64
CA SER A 204 27.17 12.23 5.46
C SER A 204 27.21 10.72 5.46
N ILE A 205 28.40 10.15 5.57
CA ILE A 205 28.57 8.72 5.72
C ILE A 205 29.14 8.44 7.10
N ASP A 206 28.28 8.00 8.01
CA ASP A 206 28.71 7.84 9.38
C ASP A 206 29.58 6.60 9.55
N GLU A 207 29.32 5.58 8.74
CA GLU A 207 30.08 4.34 8.78
C GLU A 207 30.14 3.70 7.40
N ILE A 208 31.31 3.24 6.99
CA ILE A 208 31.41 2.46 5.75
C ILE A 208 32.43 1.32 5.93
N SER A 209 32.01 0.11 5.59
CA SER A 209 32.85 -1.08 5.67
C SER A 209 32.82 -1.80 4.34
N LEU A 210 33.94 -2.39 3.95
CA LEU A 210 33.96 -3.23 2.75
C LEU A 210 34.54 -4.59 3.11
N PHE A 211 34.03 -5.63 2.46
CA PHE A 211 34.46 -7.00 2.74
C PHE A 211 34.81 -7.67 1.43
N ASN A 212 35.84 -8.51 1.45
CA ASN A 212 36.17 -9.30 0.27
C ASN A 212 35.43 -10.62 0.31
N LYS A 213 34.11 -10.52 0.38
CA LYS A 213 33.23 -11.68 0.41
C LYS A 213 31.83 -11.21 0.07
N ALA A 214 31.04 -12.08 -0.54
CA ALA A 214 29.61 -11.84 -0.67
C ALA A 214 28.94 -12.44 0.56
N ILE A 215 28.58 -11.59 1.52
CA ILE A 215 27.99 -12.10 2.75
C ILE A 215 26.58 -12.64 2.48
N SER A 216 26.18 -13.65 3.23
CA SER A 216 24.89 -14.32 3.00
C SER A 216 23.71 -13.46 3.44
N ASP A 217 22.53 -13.79 2.90
CA ASP A 217 21.29 -13.14 3.33
C ASP A 217 21.15 -13.23 4.86
N GLN A 218 21.54 -14.38 5.41
CA GLN A 218 21.52 -14.61 6.85
C GLN A 218 22.40 -13.61 7.59
N GLU A 219 23.64 -13.47 7.13
CA GLU A 219 24.56 -12.51 7.75
C GLU A 219 24.03 -11.07 7.66
N VAL A 220 23.47 -10.73 6.51
CA VAL A 220 22.89 -9.40 6.30
C VAL A 220 21.85 -9.08 7.38
N SER A 221 21.01 -10.06 7.70
CA SER A 221 19.94 -9.84 8.67
C SER A 221 20.44 -9.57 10.09
N THR A 222 21.72 -9.85 10.35
CA THR A 222 22.31 -9.60 11.67
C THR A 222 22.89 -8.19 11.84
N ILE A 223 22.98 -7.45 10.73
CA ILE A 223 23.52 -6.08 10.79
C ILE A 223 22.53 -5.13 11.47
N PRO A 224 22.99 -4.42 12.53
CA PRO A 224 22.08 -3.57 13.30
C PRO A 224 21.48 -2.46 12.45
N LEU A 225 20.21 -2.13 12.68
CA LEU A 225 19.56 -1.07 11.89
C LEU A 225 19.22 0.11 12.78
N SER A 226 19.01 1.27 12.15
CA SER A 226 18.57 2.45 12.87
C SER A 226 17.31 2.99 12.21
N ASN A 227 16.34 2.11 11.99
CA ASN A 227 15.13 2.49 11.25
C ASN A 227 14.17 3.37 12.04
N PRO A 228 13.59 4.38 11.38
CA PRO A 228 12.56 5.19 12.03
C PRO A 228 11.16 4.57 11.96
N PHE A 229 11.05 3.43 11.28
CA PHE A 229 9.76 2.81 10.96
C PHE A 229 9.74 1.33 11.31
N GLN A 230 8.55 0.73 11.26
CA GLN A 230 8.38 -0.70 11.46
C GLN A 230 7.56 -1.24 10.30
N LEU A 231 7.59 -2.55 10.09
CA LEU A 231 6.67 -3.17 9.14
C LEU A 231 5.62 -3.97 9.90
N ILE A 232 4.37 -3.87 9.45
CA ILE A 232 3.27 -4.65 10.02
C ILE A 232 3.03 -5.81 9.05
N PHE A 233 2.79 -5.48 7.79
CA PHE A 233 2.70 -6.46 6.71
C PHE A 233 4.00 -6.38 5.91
N GLN A 234 4.51 -7.52 5.45
CA GLN A 234 5.78 -7.53 4.71
C GLN A 234 5.92 -8.77 3.85
N SER A 235 6.75 -8.67 2.81
CA SER A 235 6.99 -9.77 1.89
C SER A 235 7.48 -10.98 2.66
N GLY A 236 6.86 -12.13 2.41
CA GLY A 236 7.29 -13.37 3.03
C GLY A 236 6.52 -13.69 4.30
N ASP A 237 5.62 -12.80 4.70
CA ASP A 237 4.80 -13.07 5.88
C ASP A 237 3.70 -14.07 5.54
N SER A 238 2.75 -14.24 6.46
CA SER A 238 1.73 -15.27 6.31
C SER A 238 0.78 -15.08 5.12
N THR A 239 0.71 -13.86 4.57
CA THR A 239 -0.19 -13.61 3.45
C THR A 239 0.39 -14.16 2.17
N GLN A 240 1.72 -14.26 2.15
CA GLN A 240 2.48 -14.64 0.96
C GLN A 240 2.25 -13.71 -0.23
N ALA A 241 1.75 -12.51 0.03
CA ALA A 241 1.71 -11.49 -1.03
C ALA A 241 3.02 -10.71 -1.01
N ASN A 242 3.59 -10.42 -2.18
CA ASN A 242 4.84 -9.68 -2.22
C ASN A 242 4.63 -8.17 -2.15
N TYR A 243 3.36 -7.74 -2.26
CA TYR A 243 3.00 -6.31 -2.35
C TYR A 243 1.80 -6.00 -1.45
N PHE A 244 1.72 -4.76 -1.00
CA PHE A 244 0.60 -4.30 -0.16
C PHE A 244 0.23 -2.88 -0.52
N ARG A 245 -1.07 -2.58 -0.49
CA ARG A 245 -1.55 -1.21 -0.66
C ARG A 245 -2.78 -1.00 0.23
N ILE A 246 -3.17 0.27 0.38
CA ILE A 246 -4.44 0.62 1.04
C ILE A 246 -4.48 0.20 2.52
N PRO A 247 -3.59 0.81 3.34
CA PRO A 247 -3.54 0.52 4.78
C PRO A 247 -4.71 1.13 5.54
N THR A 248 -5.09 0.51 6.65
CA THR A 248 -6.08 1.08 7.56
C THR A 248 -5.56 0.88 8.99
N LEU A 249 -6.05 1.69 9.92
CA LEU A 249 -5.76 1.54 11.35
C LEU A 249 -7.00 1.94 12.13
N TYR A 250 -7.24 1.26 13.25
CA TYR A 250 -8.40 1.56 14.07
C TYR A 250 -8.12 1.13 15.50
N THR A 251 -8.34 2.02 16.46
CA THR A 251 -8.08 1.67 17.87
C THR A 251 -9.34 1.13 18.52
N LEU A 252 -9.26 -0.10 19.02
CA LEU A 252 -10.42 -0.77 19.62
C LEU A 252 -10.53 -0.40 21.11
N SER A 253 -11.73 -0.61 21.69
CA SER A 253 -11.98 -0.14 23.06
C SER A 253 -11.12 -0.87 24.09
N SER A 254 -10.67 -2.08 23.78
CA SER A 254 -9.81 -2.84 24.68
C SER A 254 -8.39 -2.27 24.70
N GLY A 255 -8.07 -1.43 23.71
CA GLY A 255 -6.73 -0.88 23.58
C GLY A 255 -5.95 -1.55 22.47
N ARG A 256 -6.49 -2.67 21.97
CA ARG A 256 -5.91 -3.31 20.80
C ARG A 256 -6.03 -2.37 19.61
N VAL A 257 -4.99 -2.27 18.80
CA VAL A 257 -5.03 -1.49 17.58
C VAL A 257 -5.06 -2.47 16.43
N LEU A 258 -6.03 -2.32 15.54
CA LEU A 258 -6.20 -3.23 14.41
C LEU A 258 -5.84 -2.53 13.11
N SER A 259 -5.25 -3.29 12.19
CA SER A 259 -4.91 -2.75 10.86
C SER A 259 -5.43 -3.73 9.83
N SER A 260 -5.94 -3.20 8.71
CA SER A 260 -6.25 -4.05 7.55
C SER A 260 -5.52 -3.48 6.34
N ILE A 261 -5.47 -4.27 5.27
CA ILE A 261 -4.67 -3.89 4.10
C ILE A 261 -5.07 -4.75 2.91
N ASP A 262 -4.81 -4.26 1.69
CA ASP A 262 -4.87 -5.11 0.51
C ASP A 262 -3.58 -5.92 0.47
N ALA A 263 -3.68 -7.24 0.55
CA ALA A 263 -2.53 -8.09 0.26
C ALA A 263 -2.58 -8.34 -1.25
N ARG A 264 -1.70 -7.67 -2.00
CA ARG A 264 -1.76 -7.67 -3.46
C ARG A 264 -0.72 -8.61 -4.07
N TYR A 265 -1.20 -9.60 -4.81
CA TYR A 265 -0.32 -10.66 -5.30
C TYR A 265 0.28 -10.36 -6.67
N GLY A 266 -0.54 -9.83 -7.58
CA GLY A 266 -0.10 -9.58 -8.95
C GLY A 266 0.52 -8.21 -9.11
N GLY A 267 1.61 -7.96 -8.40
CA GLY A 267 2.18 -6.62 -8.35
C GLY A 267 1.27 -5.69 -7.58
N THR A 268 1.48 -4.38 -7.73
CA THR A 268 0.69 -3.42 -6.97
C THR A 268 -0.58 -2.95 -7.70
N HIS A 269 -0.88 -3.57 -8.83
CA HIS A 269 -2.05 -3.21 -9.63
C HIS A 269 -3.35 -3.28 -8.83
N ASP A 270 -4.26 -2.30 -9.04
CA ASP A 270 -5.64 -2.44 -8.58
C ASP A 270 -6.27 -3.64 -9.28
N SER A 271 -7.41 -4.11 -8.76
CA SER A 271 -8.24 -5.08 -9.50
C SER A 271 -8.48 -4.57 -10.94
N LYS A 272 -8.59 -5.44 -11.94
CA LYS A 272 -8.49 -6.91 -11.81
C LYS A 272 -7.11 -7.40 -11.39
N SER A 273 -7.07 -8.31 -10.42
CA SER A 273 -5.82 -8.89 -9.97
C SER A 273 -6.18 -10.05 -9.05
N LYS A 274 -5.19 -10.59 -8.34
CA LYS A 274 -5.51 -11.33 -7.13
C LYS A 274 -5.13 -10.48 -5.93
N ILE A 275 -6.10 -10.18 -5.09
CA ILE A 275 -5.89 -9.43 -3.85
C ILE A 275 -6.78 -10.02 -2.77
N ASN A 276 -6.23 -10.21 -1.58
CA ASN A 276 -7.00 -10.59 -0.40
C ASN A 276 -6.98 -9.44 0.60
N ILE A 277 -7.88 -9.43 1.57
CA ILE A 277 -7.79 -8.45 2.66
C ILE A 277 -7.17 -9.12 3.88
N ALA A 278 -6.09 -8.55 4.39
CA ALA A 278 -5.42 -9.11 5.56
C ALA A 278 -5.48 -8.16 6.74
N THR A 279 -5.35 -8.71 7.96
CA THR A 279 -5.39 -7.91 9.18
C THR A 279 -4.29 -8.36 10.14
N SER A 280 -3.86 -7.44 11.00
CA SER A 280 -2.87 -7.68 12.05
C SER A 280 -3.23 -6.75 13.18
N TYR A 281 -2.90 -7.10 14.42
CA TYR A 281 -3.21 -6.19 15.52
C TYR A 281 -2.02 -6.04 16.47
N SER A 282 -2.06 -4.98 17.26
CA SER A 282 -1.04 -4.72 18.28
C SER A 282 -1.72 -4.51 19.63
N ASP A 283 -1.17 -5.16 20.66
CA ASP A 283 -1.69 -5.02 22.01
C ASP A 283 -0.77 -4.18 22.88
N ASP A 284 0.26 -3.60 22.27
CA ASP A 284 1.21 -2.81 23.04
C ASP A 284 1.47 -1.43 22.42
N ASN A 285 0.41 -0.76 22.02
CA ASN A 285 0.50 0.61 21.48
C ASN A 285 1.34 0.67 20.20
N GLY A 286 1.30 -0.38 19.42
CA GLY A 286 1.96 -0.35 18.12
C GLY A 286 3.39 -0.84 18.12
N LYS A 287 3.91 -1.22 19.28
CA LYS A 287 5.30 -1.68 19.35
C LYS A 287 5.54 -3.00 18.62
N THR A 288 4.62 -3.95 18.79
CA THR A 288 4.70 -5.23 18.07
C THR A 288 3.36 -5.58 17.46
N TRP A 289 3.41 -6.36 16.38
CA TRP A 289 2.23 -6.69 15.61
C TRP A 289 2.11 -8.19 15.40
N SER A 290 0.87 -8.67 15.36
CA SER A 290 0.60 -10.10 15.20
C SER A 290 0.84 -10.56 13.78
N GLU A 291 1.11 -11.85 13.59
CA GLU A 291 1.20 -12.39 12.23
CA GLU A 291 1.20 -12.38 12.24
C GLU A 291 -0.14 -12.24 11.54
N PRO A 292 -0.14 -11.70 10.31
CA PRO A 292 -1.42 -11.43 9.66
C PRO A 292 -2.30 -12.67 9.47
N ILE A 293 -3.60 -12.43 9.44
CA ILE A 293 -4.55 -13.45 9.02
C ILE A 293 -5.39 -12.83 7.90
N PHE A 294 -6.22 -13.61 7.24
CA PHE A 294 -7.11 -13.02 6.24
C PHE A 294 -8.47 -12.68 6.81
N ALA A 295 -8.99 -11.50 6.45
CA ALA A 295 -10.37 -11.14 6.75
C ALA A 295 -11.26 -11.57 5.61
N MET A 296 -10.77 -11.43 4.38
CA MET A 296 -11.50 -11.82 3.18
C MET A 296 -10.52 -12.41 2.18
N LYS A 297 -10.80 -13.61 1.69
CA LYS A 297 -9.86 -14.26 0.78
C LYS A 297 -10.63 -15.11 -0.22
N PHE A 298 -10.07 -15.23 -1.43
CA PHE A 298 -10.61 -16.13 -2.44
C PHE A 298 -9.51 -17.16 -2.73
N ASN A 299 -9.90 -18.34 -3.22
CA ASN A 299 -8.94 -19.44 -3.42
C ASN A 299 -8.83 -19.87 -4.88
N ASP A 300 -9.47 -19.15 -5.79
CA ASP A 300 -9.44 -19.54 -7.20
C ASP A 300 -8.05 -19.49 -7.81
N TYR A 301 -7.22 -18.61 -7.29
CA TYR A 301 -5.81 -18.56 -7.65
C TYR A 301 -4.97 -18.80 -6.40
N GLU A 302 -3.80 -19.42 -6.59
CA GLU A 302 -2.85 -19.68 -5.51
C GLU A 302 -2.34 -18.39 -4.87
N GLU A 303 -2.09 -18.43 -3.57
CA GLU A 303 -1.42 -17.32 -2.89
CA GLU A 303 -1.44 -17.32 -2.89
C GLU A 303 0.07 -17.42 -3.17
N GLN A 304 0.55 -16.67 -4.17
CA GLN A 304 1.95 -16.75 -4.59
C GLN A 304 2.74 -15.47 -4.34
N LEU A 305 3.95 -15.64 -3.81
CA LEU A 305 4.86 -14.52 -3.65
C LEU A 305 5.65 -14.42 -4.95
N VAL A 306 5.33 -13.42 -5.77
CA VAL A 306 5.93 -13.31 -7.09
C VAL A 306 6.70 -12.02 -7.22
N TYR A 307 7.87 -12.07 -7.85
CA TYR A 307 8.58 -10.83 -8.15
C TYR A 307 8.07 -10.32 -9.49
N TRP A 308 7.14 -9.37 -9.42
CA TRP A 308 6.48 -8.87 -10.62
C TRP A 308 7.45 -8.02 -11.44
N PRO A 309 7.47 -8.22 -12.77
CA PRO A 309 8.42 -7.50 -13.62
C PRO A 309 8.21 -5.99 -13.59
N ARG A 310 9.29 -5.23 -13.59
CA ARG A 310 9.20 -3.78 -13.49
C ARG A 310 9.67 -3.11 -14.78
N ASP A 311 10.04 -3.92 -15.77
CA ASP A 311 10.47 -3.36 -17.06
C ASP A 311 9.29 -2.82 -17.83
N ASN A 312 9.54 -1.92 -18.77
CA ASN A 312 8.47 -1.27 -19.51
C ASN A 312 7.63 -2.18 -20.39
N LYS A 313 8.21 -3.29 -20.85
CA LYS A 313 7.43 -4.21 -21.69
C LYS A 313 6.43 -5.04 -20.91
N LEU A 314 6.80 -5.40 -19.68
CA LEU A 314 6.00 -6.36 -18.93
C LEU A 314 5.32 -5.82 -17.67
N LYS A 315 5.64 -4.60 -17.24
CA LYS A 315 5.14 -4.16 -15.92
C LYS A 315 3.62 -4.05 -15.85
N ASN A 316 2.98 -3.88 -16.99
CA ASN A 316 1.53 -3.83 -17.01
C ASN A 316 0.86 -5.21 -17.04
N SER A 317 1.67 -6.27 -16.99
CA SER A 317 1.13 -7.62 -16.82
C SER A 317 0.21 -7.61 -15.60
N GLN A 318 -0.96 -8.24 -15.73
CA GLN A 318 -1.97 -8.15 -14.70
C GLN A 318 -2.71 -9.48 -14.63
N ILE A 319 -2.85 -10.03 -13.43
CA ILE A 319 -3.60 -11.28 -13.28
C ILE A 319 -5.03 -11.00 -13.69
N SER A 320 -5.51 -11.75 -14.68
CA SER A 320 -6.73 -11.36 -15.39
C SER A 320 -7.93 -12.26 -15.22
N GLY A 321 -7.73 -13.39 -14.54
CA GLY A 321 -8.84 -14.33 -14.34
C GLY A 321 -9.17 -14.62 -12.89
N SER A 322 -8.65 -13.80 -11.97
CA SER A 322 -8.87 -14.03 -10.53
C SER A 322 -9.93 -13.09 -9.96
N ALA A 323 -10.68 -13.59 -8.97
CA ALA A 323 -11.56 -12.73 -8.19
C ALA A 323 -10.66 -12.04 -7.16
N SER A 324 -11.12 -10.92 -6.61
CA SER A 324 -10.30 -10.18 -5.66
C SER A 324 -11.16 -9.35 -4.71
N PHE A 325 -10.55 -8.91 -3.61
CA PHE A 325 -11.15 -7.91 -2.74
C PHE A 325 -10.27 -6.66 -2.81
N ILE A 326 -10.80 -5.50 -2.49
CA ILE A 326 -9.98 -4.29 -2.59
C ILE A 326 -10.62 -3.18 -1.79
N ASP A 327 -9.81 -2.33 -1.16
CA ASP A 327 -10.27 -1.17 -0.38
C ASP A 327 -11.08 -1.54 0.87
N SER A 328 -10.40 -1.86 1.96
CA SER A 328 -11.10 -2.24 3.19
C SER A 328 -11.30 -1.06 4.12
N SER A 329 -12.25 -1.21 5.06
CA SER A 329 -12.55 -0.17 6.04
C SER A 329 -13.06 -0.87 7.29
N ILE A 330 -12.70 -0.32 8.45
CA ILE A 330 -12.98 -0.95 9.75
C ILE A 330 -13.76 -0.03 10.67
N VAL A 331 -14.68 -0.59 11.44
CA VAL A 331 -15.31 0.13 12.54
C VAL A 331 -15.55 -0.82 13.70
N GLU A 332 -15.66 -0.28 14.91
CA GLU A 332 -16.03 -1.10 16.06
C GLU A 332 -17.40 -0.68 16.57
N ASP A 333 -18.25 -1.66 16.85
CA ASP A 333 -19.61 -1.42 17.37
C ASP A 333 -19.63 -1.56 18.88
N LYS A 334 -19.93 -0.47 19.60
CA LYS A 334 -19.94 -0.46 21.06
C LYS A 334 -20.96 -1.45 21.62
N LYS A 335 -22.15 -1.42 21.04
CA LYS A 335 -23.26 -2.25 21.51
C LYS A 335 -22.93 -3.74 21.56
N SER A 336 -22.61 -4.32 20.41
CA SER A 336 -22.37 -5.76 20.33
C SER A 336 -20.94 -6.11 20.72
N GLY A 337 -20.05 -5.12 20.67
CA GLY A 337 -18.63 -5.35 20.88
C GLY A 337 -17.92 -5.87 19.65
N LYS A 338 -18.67 -6.06 18.56
CA LYS A 338 -18.11 -6.66 17.34
C LYS A 338 -17.22 -5.69 16.59
N THR A 339 -16.23 -6.24 15.87
CA THR A 339 -15.47 -5.47 14.91
C THR A 339 -16.07 -5.79 13.55
N ILE A 340 -16.26 -4.76 12.73
CA ILE A 340 -16.87 -4.92 11.42
C ILE A 340 -15.91 -4.40 10.36
N LEU A 341 -15.71 -5.20 9.31
CA LEU A 341 -14.81 -4.82 8.23
C LEU A 341 -15.57 -4.99 6.92
N LEU A 342 -15.56 -3.95 6.10
CA LEU A 342 -16.14 -4.00 4.77
C LEU A 342 -15.01 -3.89 3.75
N ALA A 343 -15.23 -4.42 2.56
CA ALA A 343 -14.30 -4.22 1.42
C ALA A 343 -15.08 -4.37 0.11
N ASP A 344 -14.52 -3.86 -0.99
CA ASP A 344 -15.15 -4.11 -2.28
C ASP A 344 -14.88 -5.56 -2.68
N VAL A 345 -15.77 -6.14 -3.47
CA VAL A 345 -15.57 -7.50 -4.01
C VAL A 345 -15.65 -7.47 -5.51
N MET A 346 -14.64 -8.06 -6.17
CA MET A 346 -14.57 -8.08 -7.64
C MET A 346 -14.59 -9.53 -8.12
N PRO A 347 -15.55 -9.86 -9.00
CA PRO A 347 -15.59 -11.22 -9.57
C PRO A 347 -14.39 -11.38 -10.48
N ALA A 348 -14.12 -12.61 -10.91
CA ALA A 348 -12.98 -12.92 -11.76
C ALA A 348 -12.84 -11.98 -12.95
N GLY A 349 -11.64 -11.41 -13.10
CA GLY A 349 -11.32 -10.52 -14.21
C GLY A 349 -11.90 -9.11 -14.14
N ILE A 350 -12.48 -8.75 -12.99
CA ILE A 350 -13.20 -7.48 -12.89
C ILE A 350 -12.47 -6.43 -12.05
N GLY A 351 -12.46 -5.21 -12.56
CA GLY A 351 -11.93 -4.04 -11.85
C GLY A 351 -12.87 -2.87 -12.05
N ASN A 352 -12.49 -1.67 -11.65
CA ASN A 352 -13.42 -0.55 -11.73
C ASN A 352 -13.69 -0.07 -13.17
N ASN A 353 -12.75 -0.37 -14.06
CA ASN A 353 -12.85 0.06 -15.46
C ASN A 353 -13.76 -0.82 -16.32
N ASN A 354 -13.88 -2.10 -15.98
CA ASN A 354 -14.74 -3.00 -16.76
C ASN A 354 -16.01 -3.46 -16.03
N ALA A 355 -16.15 -3.05 -14.77
CA ALA A 355 -17.35 -3.38 -14.00
C ALA A 355 -18.59 -2.81 -14.69
N ASN A 356 -19.62 -3.63 -14.85
CA ASN A 356 -20.86 -3.21 -15.49
C ASN A 356 -21.54 -2.12 -14.67
N LYS A 357 -21.49 -0.88 -15.15
CA LYS A 357 -22.04 0.25 -14.40
C LYS A 357 -23.58 0.28 -14.39
N ALA A 358 -24.19 -0.49 -15.29
CA ALA A 358 -25.64 -0.44 -15.46
C ALA A 358 -26.37 -1.61 -14.80
N ASP A 359 -25.66 -2.36 -13.97
CA ASP A 359 -26.27 -3.54 -13.36
C ASP A 359 -25.79 -3.68 -11.92
N SER A 360 -26.72 -3.75 -10.98
CA SER A 360 -26.38 -3.95 -9.57
C SER A 360 -25.98 -5.39 -9.28
N GLY A 361 -26.38 -6.31 -10.15
CA GLY A 361 -26.10 -7.72 -9.93
C GLY A 361 -27.18 -8.39 -9.09
N PHE A 362 -28.17 -7.62 -8.69
CA PHE A 362 -29.31 -8.17 -7.96
C PHE A 362 -30.60 -7.98 -8.73
N LYS A 363 -31.55 -8.87 -8.52
CA LYS A 363 -32.90 -8.70 -9.07
C LYS A 363 -33.84 -8.34 -7.93
N GLU A 364 -34.67 -7.32 -8.12
CA GLU A 364 -35.72 -7.02 -7.15
C GLU A 364 -36.95 -7.85 -7.45
N ILE A 365 -37.40 -8.64 -6.48
CA ILE A 365 -38.64 -9.40 -6.65
C ILE A 365 -39.59 -9.13 -5.49
N ASN A 366 -40.67 -8.40 -5.79
CA ASN A 366 -41.60 -7.81 -4.82
C ASN A 366 -41.01 -7.33 -3.48
N GLY A 367 -40.09 -6.38 -3.54
CA GLY A 367 -39.62 -5.68 -2.35
C GLY A 367 -38.24 -6.08 -1.84
N HIS A 368 -37.69 -7.15 -2.40
CA HIS A 368 -36.45 -7.72 -1.89
C HIS A 368 -35.40 -7.89 -2.99
N TYR A 369 -34.13 -8.00 -2.60
CA TYR A 369 -33.04 -8.14 -3.55
C TYR A 369 -32.38 -9.51 -3.54
N TYR A 370 -32.30 -10.16 -4.70
CA TYR A 370 -31.66 -11.47 -4.81
C TYR A 370 -30.51 -11.44 -5.81
N LEU A 371 -29.40 -12.06 -5.43
CA LEU A 371 -28.21 -12.11 -6.27
C LEU A 371 -28.50 -12.90 -7.53
N LYS A 372 -28.18 -12.33 -8.68
CA LYS A 372 -28.44 -13.01 -9.96
C LYS A 372 -27.29 -13.94 -10.30
N LEU A 373 -27.60 -15.03 -11.01
CA LEU A 373 -26.56 -15.98 -11.43
C LEU A 373 -26.72 -16.35 -12.89
N LYS A 374 -25.61 -16.66 -13.55
CA LYS A 374 -25.65 -17.19 -14.91
C LYS A 374 -25.03 -18.59 -14.93
N LYS A 375 -25.73 -19.55 -15.52
CA LYS A 375 -25.24 -20.93 -15.58
C LYS A 375 -24.41 -21.16 -16.84
N ASN A 376 -23.42 -22.05 -16.73
CA ASN A 376 -22.60 -22.52 -17.84
C ASN A 376 -23.46 -22.85 -19.07
N GLY A 377 -23.23 -22.12 -20.16
CA GLY A 377 -23.95 -22.38 -21.41
C GLY A 377 -25.04 -21.38 -21.72
N ASP A 378 -25.53 -20.67 -20.70
CA ASP A 378 -26.59 -19.69 -20.89
C ASP A 378 -26.02 -18.35 -21.36
N ASN A 379 -26.80 -17.63 -22.15
CA ASN A 379 -26.42 -16.31 -22.62
C ASN A 379 -26.92 -15.21 -21.68
N ASP A 380 -27.91 -15.56 -20.86
CA ASP A 380 -28.52 -14.60 -19.94
C ASP A 380 -28.37 -15.07 -18.50
N PHE A 381 -28.74 -14.20 -17.56
CA PHE A 381 -28.79 -14.58 -16.16
C PHE A 381 -30.19 -15.09 -15.85
N ARG A 382 -30.35 -16.41 -15.80
CA ARG A 382 -31.67 -17.00 -15.60
C ARG A 382 -31.89 -17.52 -14.19
N TYR A 383 -30.98 -17.17 -13.28
CA TYR A 383 -31.08 -17.66 -11.92
C TYR A 383 -30.96 -16.54 -10.89
N THR A 384 -31.47 -16.82 -9.70
CA THR A 384 -31.30 -15.95 -8.54
C THR A 384 -30.99 -16.82 -7.36
N VAL A 385 -30.38 -16.24 -6.33
CA VAL A 385 -30.15 -16.92 -5.07
C VAL A 385 -31.22 -16.41 -4.11
N ARG A 386 -32.11 -17.31 -3.69
CA ARG A 386 -33.18 -16.94 -2.75
C ARG A 386 -32.79 -17.29 -1.33
N GLU A 387 -33.76 -17.26 -0.43
CA GLU A 387 -33.52 -17.56 0.98
C GLU A 387 -32.94 -18.95 1.22
N ASN A 388 -32.09 -19.05 2.24
CA ASN A 388 -31.35 -20.26 2.55
C ASN A 388 -30.51 -20.73 1.36
N GLY A 389 -30.06 -19.76 0.57
CA GLY A 389 -29.15 -20.00 -0.53
C GLY A 389 -29.66 -20.83 -1.69
N VAL A 390 -30.97 -21.01 -1.80
CA VAL A 390 -31.55 -21.82 -2.88
C VAL A 390 -31.42 -21.17 -4.27
N VAL A 391 -30.75 -21.88 -5.19
CA VAL A 391 -30.65 -21.39 -6.55
C VAL A 391 -31.96 -21.65 -7.31
N TYR A 392 -32.55 -20.56 -7.78
CA TYR A 392 -33.91 -20.57 -8.32
C TYR A 392 -33.87 -20.18 -9.78
N ASN A 393 -34.65 -20.88 -10.61
CA ASN A 393 -34.69 -20.63 -12.04
C ASN A 393 -35.77 -19.60 -12.40
N GLU A 394 -35.34 -18.40 -12.78
CA GLU A 394 -36.26 -17.30 -13.07
C GLU A 394 -37.14 -17.53 -14.30
N THR A 395 -36.65 -18.35 -15.22
CA THR A 395 -37.32 -18.54 -16.51
C THR A 395 -38.53 -19.46 -16.39
N THR A 396 -38.45 -20.41 -15.47
CA THR A 396 -39.53 -21.36 -15.25
C THR A 396 -40.03 -21.27 -13.81
N ASN A 397 -39.55 -20.27 -13.09
CA ASN A 397 -39.94 -20.05 -11.69
C ASN A 397 -39.79 -21.28 -10.79
N LYS A 398 -38.89 -22.18 -11.17
CA LYS A 398 -38.67 -23.40 -10.42
C LYS A 398 -37.35 -23.35 -9.65
N PRO A 399 -37.33 -23.89 -8.42
CA PRO A 399 -36.07 -24.02 -7.69
C PRO A 399 -35.25 -25.17 -8.26
N THR A 400 -33.92 -25.11 -8.10
CA THR A 400 -33.02 -26.13 -8.64
C THR A 400 -32.53 -27.02 -7.51
N ASN A 401 -31.65 -27.96 -7.85
CA ASN A 401 -31.03 -28.79 -6.83
C ASN A 401 -29.70 -28.20 -6.38
N TYR A 402 -29.46 -26.93 -6.75
CA TYR A 402 -28.25 -26.23 -6.33
C TYR A 402 -28.52 -25.26 -5.20
N THR A 403 -27.57 -25.16 -4.28
CA THR A 403 -27.61 -24.14 -3.24
C THR A 403 -26.27 -23.43 -3.15
N ILE A 404 -26.30 -22.22 -2.60
CA ILE A 404 -25.09 -21.45 -2.32
C ILE A 404 -24.90 -21.42 -0.81
N ASN A 405 -23.75 -21.86 -0.32
CA ASN A 405 -23.52 -21.85 1.14
C ASN A 405 -23.10 -20.47 1.64
N ASP A 406 -22.66 -20.42 2.89
CA ASP A 406 -22.29 -19.16 3.53
C ASP A 406 -20.98 -18.58 2.97
N LYS A 407 -20.21 -19.41 2.27
CA LYS A 407 -18.95 -18.96 1.68
C LYS A 407 -19.11 -18.60 0.21
N TYR A 408 -20.37 -18.50 -0.24
CA TYR A 408 -20.70 -18.27 -1.65
C TYR A 408 -20.20 -19.39 -2.56
N GLU A 409 -20.12 -20.58 -1.98
CA GLU A 409 -19.73 -21.79 -2.70
C GLU A 409 -20.95 -22.56 -3.21
N VAL A 410 -20.78 -23.26 -4.32
CA VAL A 410 -21.89 -23.94 -4.97
C VAL A 410 -21.97 -25.38 -4.50
N LEU A 411 -23.17 -25.76 -4.04
CA LEU A 411 -23.45 -27.14 -3.63
C LEU A 411 -24.47 -27.73 -4.60
N GLU A 412 -24.33 -29.03 -4.91
CA GLU A 412 -25.38 -29.71 -5.66
C GLU A 412 -25.89 -30.89 -4.82
N GLY A 413 -27.15 -30.83 -4.42
CA GLY A 413 -27.72 -31.84 -3.53
C GLY A 413 -26.93 -31.96 -2.24
N GLY A 414 -26.48 -30.81 -1.72
CA GLY A 414 -25.72 -30.79 -0.49
C GLY A 414 -24.26 -31.17 -0.64
N LYS A 415 -23.86 -31.58 -1.84
CA LYS A 415 -22.47 -31.97 -2.09
C LYS A 415 -21.68 -30.78 -2.66
N SER A 416 -20.50 -30.54 -2.11
CA SER A 416 -19.66 -29.41 -2.53
C SER A 416 -19.06 -29.62 -3.91
N LEU A 417 -19.34 -28.69 -4.83
CA LEU A 417 -18.64 -28.69 -6.13
C LEU A 417 -17.28 -28.02 -6.00
N THR A 418 -16.33 -28.39 -6.86
CA THR A 418 -14.97 -27.83 -6.84
C THR A 418 -14.58 -27.28 -8.21
N VAL A 419 -13.54 -26.45 -8.24
CA VAL A 419 -12.91 -26.04 -9.50
C VAL A 419 -11.42 -26.24 -9.32
N GLU A 420 -10.68 -26.28 -10.43
CA GLU A 420 -9.23 -26.41 -10.35
C GLU A 420 -8.59 -25.02 -10.18
N GLN A 421 -7.63 -24.93 -9.28
CA GLN A 421 -6.99 -23.66 -8.96
C GLN A 421 -6.01 -23.23 -10.05
N TYR A 422 -5.78 -21.92 -10.18
CA TYR A 422 -4.78 -21.40 -11.11
C TYR A 422 -3.55 -20.94 -10.34
N SER A 423 -2.39 -21.03 -11.00
CA SER A 423 -1.17 -20.38 -10.53
C SER A 423 -0.65 -19.50 -11.66
N VAL A 424 0.18 -18.51 -11.35
CA VAL A 424 0.73 -17.66 -12.40
C VAL A 424 2.25 -17.80 -12.46
N ASP A 425 2.83 -17.59 -13.64
CA ASP A 425 4.29 -17.61 -13.77
C ASP A 425 4.71 -16.77 -14.97
N PHE A 426 5.99 -16.40 -15.01
CA PHE A 426 6.57 -15.68 -16.14
C PHE A 426 7.66 -16.53 -16.81
N ASP A 427 7.65 -17.84 -16.57
CA ASP A 427 8.66 -18.76 -17.09
C ASP A 427 8.87 -18.63 -18.60
N SER A 428 7.78 -18.32 -19.31
CA SER A 428 7.78 -18.23 -20.77
C SER A 428 8.18 -16.85 -21.28
N GLY A 429 8.38 -15.91 -20.36
CA GLY A 429 8.74 -14.55 -20.76
C GLY A 429 7.54 -13.63 -20.83
N SER A 430 6.34 -14.18 -20.60
CA SER A 430 5.13 -13.38 -20.46
C SER A 430 4.26 -14.00 -19.38
N LEU A 431 3.25 -13.26 -18.92
CA LEU A 431 2.40 -13.78 -17.85
C LEU A 431 1.53 -14.93 -18.36
N ARG A 432 1.58 -16.04 -17.64
CA ARG A 432 0.75 -17.20 -17.94
C ARG A 432 -0.07 -17.52 -16.70
N GLU A 433 -1.37 -17.74 -16.88
CA GLU A 433 -2.24 -18.15 -15.79
C GLU A 433 -2.76 -19.55 -16.13
N ARG A 434 -2.42 -20.54 -15.31
CA ARG A 434 -2.77 -21.90 -15.68
C ARG A 434 -3.15 -22.80 -14.51
N HIS A 435 -4.00 -23.78 -14.81
CA HIS A 435 -4.43 -24.76 -13.81
C HIS A 435 -3.25 -25.49 -13.18
N ASN A 436 -3.35 -25.73 -11.87
CA ASN A 436 -2.21 -26.26 -11.13
C ASN A 436 -2.45 -27.62 -10.47
N GLY A 437 -3.58 -28.26 -10.79
CA GLY A 437 -3.87 -29.60 -10.30
C GLY A 437 -4.62 -29.68 -8.99
N LYS A 438 -4.80 -28.53 -8.35
CA LYS A 438 -5.44 -28.50 -7.04
C LYS A 438 -6.91 -28.10 -7.12
N GLN A 439 -7.77 -28.88 -6.47
CA GLN A 439 -9.20 -28.57 -6.42
C GLN A 439 -9.53 -27.72 -5.20
N VAL A 440 -10.36 -26.70 -5.39
CA VAL A 440 -10.82 -25.84 -4.29
C VAL A 440 -12.33 -25.68 -4.45
N PRO A 441 -13.03 -25.28 -3.38
CA PRO A 441 -14.49 -25.16 -3.50
C PRO A 441 -14.94 -24.20 -4.57
N MET A 442 -15.96 -24.59 -5.34
CA MET A 442 -16.49 -23.75 -6.41
C MET A 442 -17.25 -22.53 -5.87
N ASN A 443 -16.76 -21.33 -6.18
CA ASN A 443 -17.34 -20.09 -5.66
C ASN A 443 -17.96 -19.30 -6.80
N VAL A 444 -19.13 -18.69 -6.57
CA VAL A 444 -19.82 -17.99 -7.65
C VAL A 444 -19.08 -16.76 -8.17
N PHE A 445 -18.00 -16.36 -7.48
CA PHE A 445 -17.21 -15.23 -7.94
C PHE A 445 -16.06 -15.69 -8.83
N TYR A 446 -15.97 -17.00 -9.08
CA TYR A 446 -14.84 -17.56 -9.84
C TYR A 446 -15.06 -17.65 -11.35
N LYS A 447 -13.96 -17.68 -12.09
CA LYS A 447 -14.02 -17.84 -13.54
C LYS A 447 -14.58 -19.22 -13.93
N ASP A 448 -14.19 -20.24 -13.19
CA ASP A 448 -14.47 -21.63 -13.55
C ASP A 448 -15.77 -22.16 -12.96
N SER A 449 -16.52 -21.30 -12.30
CA SER A 449 -17.74 -21.73 -11.62
C SER A 449 -18.90 -22.04 -12.58
N LEU A 450 -19.70 -23.03 -12.20
CA LEU A 450 -20.90 -23.42 -12.94
C LEU A 450 -21.92 -22.29 -12.95
N PHE A 451 -22.00 -21.56 -11.84
CA PHE A 451 -22.91 -20.42 -11.68
C PHE A 451 -22.05 -19.19 -11.38
N LYS A 452 -22.26 -18.12 -12.14
CA LYS A 452 -21.39 -16.96 -12.03
C LYS A 452 -22.18 -15.69 -11.76
N VAL A 453 -21.66 -14.82 -10.89
CA VAL A 453 -22.33 -13.56 -10.61
C VAL A 453 -22.15 -12.58 -11.76
N THR A 454 -22.93 -11.51 -11.71
CA THR A 454 -22.84 -10.42 -12.69
C THR A 454 -21.46 -9.78 -12.58
N PRO A 455 -20.81 -9.53 -13.73
CA PRO A 455 -19.45 -8.97 -13.70
C PRO A 455 -19.48 -7.49 -13.34
N THR A 456 -19.69 -7.19 -12.07
CA THR A 456 -19.74 -5.82 -11.58
C THR A 456 -19.13 -5.80 -10.17
N ASN A 457 -19.06 -4.62 -9.55
CA ASN A 457 -18.43 -4.50 -8.24
C ASN A 457 -19.46 -4.57 -7.11
N TYR A 458 -19.08 -5.25 -6.02
CA TYR A 458 -19.96 -5.42 -4.86
C TYR A 458 -19.27 -4.90 -3.61
N ILE A 459 -20.02 -4.79 -2.51
CA ILE A 459 -19.41 -4.53 -1.21
C ILE A 459 -19.79 -5.68 -0.30
N ALA A 460 -18.81 -6.19 0.45
CA ALA A 460 -19.03 -7.27 1.41
C ALA A 460 -18.71 -6.80 2.80
N MET A 461 -19.27 -7.49 3.79
CA MET A 461 -19.01 -7.19 5.19
C MET A 461 -18.61 -8.48 5.91
N THR A 462 -17.64 -8.39 6.82
CA THR A 462 -17.37 -9.50 7.72
C THR A 462 -17.29 -8.94 9.14
N THR A 463 -17.38 -9.81 10.12
CA THR A 463 -17.30 -9.34 11.51
C THR A 463 -16.35 -10.22 12.31
N SER A 464 -15.83 -9.68 13.39
CA SER A 464 -15.04 -10.48 14.32
C SER A 464 -15.60 -10.34 15.74
N GLN A 465 -15.72 -11.47 16.45
CA GLN A 465 -16.15 -11.46 17.85
C GLN A 465 -14.98 -11.48 18.81
N ASN A 466 -13.77 -11.49 18.26
CA ASN A 466 -12.58 -11.61 19.11
C ASN A 466 -11.54 -10.58 18.71
N ARG A 467 -12.01 -9.42 18.29
CA ARG A 467 -11.16 -8.27 17.99
C ARG A 467 -10.03 -8.63 17.04
N GLY A 468 -10.38 -9.35 15.96
CA GLY A 468 -9.45 -9.58 14.87
C GLY A 468 -8.62 -10.85 14.94
N GLU A 469 -8.91 -11.73 15.90
CA GLU A 469 -8.22 -13.01 15.96
C GLU A 469 -8.76 -13.97 14.92
N SER A 470 -10.03 -13.78 14.55
CA SER A 470 -10.61 -14.51 13.43
C SER A 470 -11.75 -13.68 12.83
N TRP A 471 -12.07 -13.96 11.57
CA TRP A 471 -13.17 -13.27 10.89
C TRP A 471 -14.22 -14.25 10.36
N GLU A 472 -15.47 -13.83 10.38
CA GLU A 472 -16.54 -14.63 9.82
C GLU A 472 -16.46 -14.68 8.30
N GLN A 473 -17.23 -15.57 7.71
CA GLN A 473 -17.41 -15.57 6.26
C GLN A 473 -18.16 -14.30 5.89
N PHE A 474 -17.76 -13.65 4.80
CA PHE A 474 -18.34 -12.37 4.44
C PHE A 474 -19.76 -12.48 3.90
N LYS A 475 -20.52 -11.40 4.01
CA LYS A 475 -21.84 -11.34 3.39
C LYS A 475 -21.88 -10.14 2.46
N LEU A 476 -22.55 -10.27 1.31
CA LEU A 476 -22.73 -9.12 0.44
C LEU A 476 -23.73 -8.13 1.02
N LEU A 477 -23.42 -6.84 0.92
CA LEU A 477 -24.41 -5.80 1.21
C LEU A 477 -25.37 -5.71 0.03
N PRO A 478 -26.63 -5.31 0.31
CA PRO A 478 -27.64 -5.12 -0.72
C PRO A 478 -27.32 -3.91 -1.61
N PRO A 479 -27.98 -3.81 -2.78
CA PRO A 479 -27.74 -2.61 -3.59
C PRO A 479 -28.48 -1.42 -2.96
N PHE A 480 -27.95 -0.22 -3.11
CA PHE A 480 -28.55 0.96 -2.49
C PHE A 480 -29.08 1.96 -3.49
N LEU A 481 -28.61 1.85 -4.73
CA LEU A 481 -29.00 2.81 -5.76
C LEU A 481 -29.82 2.17 -6.88
N GLY A 482 -30.51 1.09 -6.56
CA GLY A 482 -31.44 0.48 -7.49
C GLY A 482 -30.91 -0.69 -8.30
N GLU A 483 -31.81 -1.33 -9.04
CA GLU A 483 -31.50 -2.51 -9.83
C GLU A 483 -30.44 -2.30 -10.88
N LYS A 484 -30.50 -1.17 -11.57
CA LYS A 484 -29.70 -0.95 -12.77
C LYS A 484 -28.61 0.11 -12.56
N HIS A 485 -28.03 0.08 -11.37
CA HIS A 485 -26.91 0.95 -11.03
C HIS A 485 -25.87 0.04 -10.38
N ASN A 486 -24.62 0.11 -10.82
CA ASN A 486 -23.61 -0.69 -10.15
C ASN A 486 -23.45 -0.17 -8.72
N GLY A 487 -22.85 -0.98 -7.86
CA GLY A 487 -22.70 -0.58 -6.47
C GLY A 487 -21.69 0.53 -6.30
N THR A 488 -21.68 1.12 -5.12
CA THR A 488 -20.76 2.20 -4.82
C THR A 488 -19.41 1.59 -4.44
N TYR A 489 -18.41 2.44 -4.30
CA TYR A 489 -17.08 1.98 -3.93
C TYR A 489 -16.77 2.39 -2.50
N LEU A 490 -16.35 1.44 -1.69
CA LEU A 490 -16.08 1.74 -0.30
C LEU A 490 -14.90 2.70 -0.14
N CYS A 491 -15.02 3.62 0.81
CA CYS A 491 -13.90 4.54 1.09
C CYS A 491 -12.98 3.85 2.05
N PRO A 492 -11.72 3.61 1.62
CA PRO A 492 -10.87 2.83 2.53
C PRO A 492 -10.44 3.59 3.77
N GLY A 493 -10.25 2.85 4.85
CA GLY A 493 -9.77 3.45 6.10
C GLY A 493 -10.64 3.02 7.26
N GLN A 494 -11.32 4.00 7.85
CA GLN A 494 -12.19 3.74 8.99
C GLN A 494 -13.62 4.06 8.66
N GLY A 495 -14.54 3.31 9.26
CA GLY A 495 -15.92 3.74 9.34
C GLY A 495 -16.01 4.61 10.59
N LEU A 496 -17.20 5.13 10.86
CA LEU A 496 -17.38 6.02 12.01
C LEU A 496 -18.40 5.42 12.96
N ALA A 497 -18.01 5.27 14.21
CA ALA A 497 -18.92 4.88 15.28
C ALA A 497 -19.24 6.16 16.04
N LEU A 498 -20.48 6.61 15.98
CA LEU A 498 -20.82 7.85 16.67
C LEU A 498 -20.71 7.63 18.18
N LYS A 499 -20.18 8.62 18.88
CA LYS A 499 -19.85 8.47 20.30
C LYS A 499 -21.07 8.39 21.21
N SER A 500 -22.14 9.08 20.84
CA SER A 500 -23.30 9.22 21.72
C SER A 500 -24.47 8.33 21.34
N SER A 501 -24.29 7.49 20.34
CA SER A 501 -25.35 6.57 19.93
C SER A 501 -24.78 5.24 19.46
N ASN A 502 -25.65 4.40 18.90
CA ASN A 502 -25.23 3.13 18.34
C ASN A 502 -25.03 3.19 16.83
N ARG A 503 -25.05 4.40 16.28
CA ARG A 503 -24.96 4.54 14.83
C ARG A 503 -23.58 4.26 14.27
N LEU A 504 -23.55 3.52 13.17
CA LEU A 504 -22.32 3.18 12.45
C LEU A 504 -22.46 3.69 11.03
N ILE A 505 -21.41 4.33 10.51
CA ILE A 505 -21.46 4.86 9.15
C ILE A 505 -20.19 4.45 8.40
N PHE A 506 -20.36 3.99 7.17
CA PHE A 506 -19.23 3.80 6.25
C PHE A 506 -19.49 4.68 5.06
N ALA A 507 -18.54 5.57 4.74
CA ALA A 507 -18.65 6.35 3.52
C ALA A 507 -18.35 5.49 2.31
N THR A 508 -19.05 5.74 1.20
CA THR A 508 -18.70 5.12 -0.08
C THR A 508 -18.83 6.19 -1.13
N TYR A 509 -18.35 5.93 -2.34
CA TYR A 509 -18.51 6.94 -3.39
C TYR A 509 -19.02 6.34 -4.70
N THR A 510 -19.64 7.18 -5.53
CA THR A 510 -20.01 6.77 -6.87
C THR A 510 -20.04 8.04 -7.71
N SER A 511 -20.44 7.93 -8.97
CA SER A 511 -20.47 9.13 -9.80
C SER A 511 -21.46 10.15 -9.24
N GLY A 512 -20.96 11.35 -8.94
CA GLY A 512 -21.84 12.46 -8.56
C GLY A 512 -22.26 12.55 -7.10
N GLU A 513 -21.82 11.61 -6.26
CA GLU A 513 -22.16 11.70 -4.85
C GLU A 513 -21.29 10.87 -3.92
N LEU A 514 -21.33 11.23 -2.64
CA LEU A 514 -20.93 10.31 -1.59
C LEU A 514 -22.19 9.59 -1.17
N THR A 515 -22.08 8.28 -0.95
CA THR A 515 -23.21 7.49 -0.49
C THR A 515 -22.85 6.90 0.86
N TYR A 516 -23.34 7.53 1.92
CA TYR A 516 -23.06 7.03 3.26
C TYR A 516 -23.95 5.84 3.59
N LEU A 517 -23.34 4.78 4.11
CA LEU A 517 -24.08 3.60 4.52
C LEU A 517 -24.23 3.65 6.04
N ILE A 518 -25.47 3.62 6.51
CA ILE A 518 -25.77 3.84 7.93
C ILE A 518 -26.47 2.64 8.57
N SER A 519 -25.98 2.22 9.73
CA SER A 519 -26.61 1.13 10.47
C SER A 519 -26.81 1.53 11.92
N ASP A 520 -27.99 1.26 12.46
CA ASP A 520 -28.24 1.50 13.87
C ASP A 520 -28.42 0.20 14.64
N ASP A 521 -28.20 -0.93 13.96
CA ASP A 521 -28.37 -2.24 14.60
C ASP A 521 -27.16 -3.15 14.43
N SER A 522 -25.99 -2.61 14.72
CA SER A 522 -24.75 -3.38 14.74
C SER A 522 -24.42 -3.97 13.37
N GLY A 523 -24.84 -3.29 12.31
CA GLY A 523 -24.49 -3.71 10.97
C GLY A 523 -25.37 -4.79 10.39
N GLN A 524 -26.48 -5.11 11.07
CA GLN A 524 -27.41 -6.12 10.55
C GLN A 524 -28.17 -5.60 9.32
N THR A 525 -28.59 -4.33 9.37
CA THR A 525 -29.24 -3.70 8.24
C THR A 525 -28.65 -2.33 7.97
N TRP A 526 -28.68 -1.91 6.72
CA TRP A 526 -28.08 -0.64 6.31
C TRP A 526 -29.06 0.17 5.47
N LYS A 527 -28.97 1.49 5.59
CA LYS A 527 -29.67 2.40 4.68
C LYS A 527 -28.66 3.37 4.11
N LYS A 528 -29.00 4.02 3.01
CA LYS A 528 -28.07 5.00 2.43
C LYS A 528 -28.47 6.41 2.81
N SER A 529 -27.48 7.29 2.86
CA SER A 529 -27.72 8.72 2.88
C SER A 529 -26.83 9.34 1.80
N SER A 530 -27.47 9.89 0.78
CA SER A 530 -26.74 10.40 -0.38
C SER A 530 -26.40 11.88 -0.22
N ALA A 531 -25.20 12.25 -0.62
CA ALA A 531 -24.73 13.63 -0.55
C ALA A 531 -24.08 14.03 -1.87
N SER A 532 -24.80 14.85 -2.63
CA SER A 532 -24.31 15.30 -3.94
CA SER A 532 -24.32 15.30 -3.94
C SER A 532 -22.96 16.00 -3.84
N ILE A 533 -22.09 15.73 -4.81
CA ILE A 533 -20.83 16.44 -4.93
C ILE A 533 -20.68 16.94 -6.36
N PRO A 534 -20.02 18.10 -6.55
CA PRO A 534 -19.92 18.74 -7.87
C PRO A 534 -18.81 18.19 -8.75
N PHE A 535 -18.60 16.88 -8.66
CA PHE A 535 -17.64 16.19 -9.49
C PHE A 535 -18.34 15.00 -10.08
N LYS A 536 -18.16 14.80 -11.38
CA LYS A 536 -18.57 13.55 -11.98
C LYS A 536 -17.34 12.66 -12.08
N ASN A 537 -17.54 11.38 -11.80
CA ASN A 537 -16.46 10.39 -11.89
C ASN A 537 -15.20 10.72 -11.10
N ALA A 538 -15.39 11.27 -9.90
CA ALA A 538 -14.27 11.44 -8.98
C ALA A 538 -14.07 10.11 -8.25
N THR A 539 -12.82 9.84 -7.89
CA THR A 539 -12.50 8.80 -6.94
C THR A 539 -12.61 9.50 -5.59
N ALA A 540 -13.83 9.71 -5.11
CA ALA A 540 -14.04 10.61 -3.97
C ALA A 540 -13.91 9.87 -2.67
N GLU A 541 -12.70 9.38 -2.39
CA GLU A 541 -12.42 8.67 -1.14
C GLU A 541 -12.57 9.63 0.02
N ALA A 542 -13.43 9.26 0.96
CA ALA A 542 -13.89 10.15 2.03
C ALA A 542 -13.68 9.52 3.38
N GLN A 543 -13.22 10.32 4.35
CA GLN A 543 -13.07 9.84 5.73
C GLN A 543 -13.68 10.87 6.68
N MET A 544 -14.26 10.38 7.78
CA MET A 544 -15.09 11.20 8.68
C MET A 544 -14.48 11.40 10.06
N VAL A 545 -14.78 12.56 10.67
CA VAL A 545 -14.50 12.79 12.09
C VAL A 545 -15.74 13.35 12.75
N GLU A 546 -15.99 12.96 14.01
CA GLU A 546 -17.10 13.56 14.74
C GLU A 546 -16.56 14.74 15.53
N LEU A 547 -16.91 15.96 15.12
CA LEU A 547 -16.38 17.18 15.76
C LEU A 547 -16.95 17.33 17.15
N ARG A 548 -18.23 17.02 17.28
CA ARG A 548 -18.92 16.98 18.58
C ARG A 548 -20.14 16.13 18.34
N ASP A 549 -20.87 15.79 19.40
CA ASP A 549 -22.00 14.86 19.29
C ASP A 549 -22.97 15.19 18.16
N GLY A 550 -23.11 14.25 17.23
CA GLY A 550 -24.00 14.39 16.10
C GLY A 550 -23.46 15.19 14.91
N VAL A 551 -22.29 15.81 15.08
CA VAL A 551 -21.72 16.67 14.04
C VAL A 551 -20.55 15.98 13.37
N ILE A 552 -20.72 15.64 12.10
CA ILE A 552 -19.71 14.89 11.36
C ILE A 552 -19.11 15.75 10.26
N ARG A 553 -17.78 15.84 10.21
CA ARG A 553 -17.16 16.47 9.04
C ARG A 553 -16.47 15.40 8.26
N THR A 554 -16.69 15.41 6.96
CA THR A 554 -16.10 14.42 6.07
C THR A 554 -15.07 15.10 5.20
N PHE A 555 -13.87 14.55 5.15
CA PHE A 555 -12.83 15.08 4.26
C PHE A 555 -12.66 14.15 3.06
N PHE A 556 -12.59 14.69 1.85
CA PHE A 556 -12.54 13.79 0.70
C PHE A 556 -11.72 14.25 -0.50
N ARG A 557 -11.28 13.25 -1.26
CA ARG A 557 -10.43 13.43 -2.44
C ARG A 557 -11.29 13.92 -3.58
N THR A 558 -10.75 14.85 -4.38
CA THR A 558 -11.48 15.42 -5.50
C THR A 558 -10.64 15.36 -6.76
N THR A 559 -11.11 16.05 -7.79
CA THR A 559 -10.39 16.15 -9.04
C THR A 559 -9.87 17.58 -9.23
N THR A 560 -9.90 18.37 -8.16
CA THR A 560 -9.59 19.81 -8.26
C THR A 560 -8.22 20.23 -7.75
N GLY A 561 -7.48 19.30 -7.16
CA GLY A 561 -6.20 19.64 -6.56
C GLY A 561 -6.35 20.12 -5.12
N LYS A 562 -7.58 20.21 -4.64
CA LYS A 562 -7.84 20.56 -3.24
C LYS A 562 -8.67 19.48 -2.57
N ILE A 563 -8.38 19.21 -1.30
CA ILE A 563 -9.20 18.30 -0.49
C ILE A 563 -10.50 19.03 -0.19
N ALA A 564 -11.63 18.32 -0.27
CA ALA A 564 -12.93 18.92 -0.01
C ALA A 564 -13.47 18.46 1.33
N TYR A 565 -14.56 19.08 1.78
CA TYR A 565 -15.22 18.62 2.99
C TYR A 565 -16.70 18.98 2.97
N MET A 566 -17.48 18.24 3.75
CA MET A 566 -18.88 18.56 3.95
C MET A 566 -19.22 18.21 5.37
N THR A 567 -20.34 18.72 5.87
CA THR A 567 -20.70 18.56 7.27
C THR A 567 -22.14 18.09 7.46
N SER A 568 -22.34 17.19 8.40
CA SER A 568 -23.67 16.80 8.84
C SER A 568 -23.84 17.19 10.29
N ARG A 569 -25.00 17.71 10.64
CA ARG A 569 -25.28 18.05 12.03
C ARG A 569 -26.42 17.22 12.59
N ASP A 570 -26.74 16.12 11.90
CA ASP A 570 -27.80 15.23 12.39
C ASP A 570 -27.39 13.78 12.25
N SER A 571 -26.16 13.50 12.64
CA SER A 571 -25.60 12.14 12.64
C SER A 571 -25.70 11.44 11.28
N GLY A 572 -25.51 12.21 10.20
CA GLY A 572 -25.42 11.60 8.88
C GLY A 572 -26.71 11.58 8.08
N GLU A 573 -27.82 12.04 8.66
CA GLU A 573 -29.09 12.10 7.91
C GLU A 573 -29.02 13.04 6.71
N THR A 574 -28.51 14.25 6.93
CA THR A 574 -28.39 15.25 5.85
C THR A 574 -26.99 15.86 5.83
N TRP A 575 -26.61 16.42 4.68
CA TRP A 575 -25.25 16.91 4.46
C TRP A 575 -25.17 18.29 3.85
N SER A 576 -24.16 19.06 4.24
CA SER A 576 -23.99 20.41 3.71
C SER A 576 -23.49 20.38 2.27
N LYS A 577 -23.37 21.57 1.68
CA LYS A 577 -22.67 21.72 0.41
C LYS A 577 -21.20 21.45 0.63
N VAL A 578 -20.45 21.42 -0.47
CA VAL A 578 -19.02 21.09 -0.42
C VAL A 578 -18.14 22.34 -0.33
N SER A 579 -17.18 22.32 0.60
CA SER A 579 -16.18 23.38 0.69
C SER A 579 -14.80 22.78 0.45
N TYR A 580 -13.79 23.64 0.32
CA TYR A 580 -12.44 23.13 0.08
C TYR A 580 -11.45 23.67 1.10
N ILE A 581 -10.47 22.83 1.43
CA ILE A 581 -9.38 23.24 2.30
C ILE A 581 -8.31 23.97 1.49
N ASP A 582 -7.97 25.19 1.92
CA ASP A 582 -6.82 25.87 1.37
C ASP A 582 -5.66 25.61 2.31
N GLY A 583 -4.45 25.58 1.79
CA GLY A 583 -3.28 25.34 2.64
C GLY A 583 -2.70 23.96 2.43
N ILE A 584 -3.45 23.10 1.73
CA ILE A 584 -2.94 21.80 1.33
C ILE A 584 -3.16 21.62 -0.17
N GLN A 585 -2.14 21.12 -0.87
CA GLN A 585 -2.29 20.84 -2.30
C GLN A 585 -2.28 19.33 -2.55
N GLN A 586 -3.12 18.89 -3.49
CA GLN A 586 -3.02 17.54 -4.00
C GLN A 586 -2.88 17.66 -5.51
N THR A 587 -2.62 16.54 -6.17
CA THR A 587 -2.52 16.50 -7.61
C THR A 587 -3.92 16.55 -8.19
N SER A 588 -4.02 16.76 -9.51
CA SER A 588 -5.31 16.74 -10.19
C SER A 588 -6.07 15.44 -9.95
N TYR A 589 -5.37 14.31 -9.91
CA TYR A 589 -6.04 13.01 -9.71
C TYR A 589 -6.36 12.70 -8.25
N GLY A 590 -5.60 13.30 -7.34
CA GLY A 590 -5.89 13.22 -5.92
C GLY A 590 -5.34 11.99 -5.21
N THR A 591 -5.42 11.99 -3.88
CA THR A 591 -4.96 10.86 -3.09
C THR A 591 -5.89 10.73 -1.90
N GLN A 592 -6.12 9.49 -1.46
CA GLN A 592 -6.88 9.24 -0.24
C GLN A 592 -6.34 10.09 0.91
N VAL A 593 -7.24 10.57 1.76
CA VAL A 593 -6.86 11.36 2.93
CA VAL A 593 -6.89 11.37 2.93
C VAL A 593 -7.44 10.66 4.16
N SER A 594 -6.63 10.54 5.23
CA SER A 594 -7.12 9.97 6.48
C SER A 594 -7.23 11.07 7.53
N ALA A 595 -8.12 10.87 8.50
CA ALA A 595 -8.47 11.94 9.44
C ALA A 595 -8.97 11.35 10.74
N ILE A 596 -8.57 11.96 11.87
CA ILE A 596 -9.15 11.58 13.13
C ILE A 596 -9.44 12.81 13.99
N LYS A 597 -10.33 12.61 14.95
CA LYS A 597 -10.58 13.61 15.98
CA LYS A 597 -10.57 13.63 15.97
C LYS A 597 -9.72 13.25 17.19
N TYR A 598 -8.76 14.11 17.52
CA TYR A 598 -7.84 13.83 18.63
C TYR A 598 -8.59 14.01 19.96
N SER A 599 -8.29 13.18 20.94
CA SER A 599 -9.06 13.17 22.18
C SER A 599 -8.70 14.33 23.10
N GLN A 600 -7.48 14.85 22.95
CA GLN A 600 -6.96 15.85 23.88
C GLN A 600 -6.99 17.24 23.25
N LEU A 601 -7.14 18.27 24.08
CA LEU A 601 -7.10 19.63 23.56
C LEU A 601 -5.68 19.97 23.13
N ILE A 602 -5.57 20.81 22.11
CA ILE A 602 -4.28 21.35 21.66
C ILE A 602 -4.41 22.87 21.63
N ASP A 603 -3.49 23.56 22.30
CA ASP A 603 -3.58 25.02 22.42
C ASP A 603 -4.96 25.43 22.96
N GLY A 604 -5.52 24.60 23.84
CA GLY A 604 -6.80 24.87 24.46
C GLY A 604 -8.01 24.61 23.59
N LYS A 605 -7.79 23.98 22.43
CA LYS A 605 -8.85 23.80 21.46
C LYS A 605 -9.02 22.33 21.04
N GLU A 606 -10.22 22.02 20.54
CA GLU A 606 -10.52 20.72 19.96
C GLU A 606 -9.69 20.58 18.70
N ALA A 607 -9.12 19.40 18.46
CA ALA A 607 -8.17 19.22 17.36
C ALA A 607 -8.58 18.08 16.42
N VAL A 608 -8.37 18.29 15.11
CA VAL A 608 -8.53 17.25 14.10
C VAL A 608 -7.16 17.07 13.46
N ILE A 609 -6.80 15.86 13.07
CA ILE A 609 -5.53 15.65 12.41
C ILE A 609 -5.78 14.98 11.06
N LEU A 610 -5.23 15.58 10.01
CA LEU A 610 -5.34 15.06 8.65
CA LEU A 610 -5.32 15.10 8.64
C LEU A 610 -4.00 14.50 8.20
N SER A 611 -4.05 13.41 7.44
CA SER A 611 -2.86 12.81 6.85
C SER A 611 -3.03 12.73 5.33
N THR A 612 -2.09 13.30 4.59
CA THR A 612 -2.20 13.40 3.15
C THR A 612 -0.85 13.80 2.54
N PRO A 613 -0.61 13.45 1.26
CA PRO A 613 0.49 14.13 0.59
C PRO A 613 0.14 15.60 0.47
N ASN A 614 1.16 16.46 0.44
CA ASN A 614 0.94 17.88 0.21
C ASN A 614 1.82 18.27 -0.94
N SER A 615 1.28 18.16 -2.15
CA SER A 615 2.05 18.35 -3.38
C SER A 615 1.10 18.46 -4.55
N ARG A 616 1.35 19.40 -5.45
CA ARG A 616 0.51 19.48 -6.64
C ARG A 616 1.10 18.66 -7.78
N SER A 617 2.25 18.03 -7.51
CA SER A 617 3.04 17.35 -8.52
C SER A 617 2.91 15.82 -8.53
N GLY A 618 2.96 15.21 -7.36
CA GLY A 618 2.94 13.75 -7.30
C GLY A 618 2.50 13.32 -5.92
N ARG A 619 2.60 12.03 -5.62
CA ARG A 619 2.24 11.55 -4.29
C ARG A 619 3.52 11.54 -3.45
N LYS A 620 3.81 12.69 -2.87
CA LYS A 620 5.04 12.90 -2.12
C LYS A 620 4.80 14.06 -1.17
N GLY A 621 5.76 14.33 -0.29
CA GLY A 621 5.59 15.44 0.62
C GLY A 621 4.55 15.15 1.67
N GLY A 622 4.62 13.97 2.27
CA GLY A 622 3.62 13.58 3.25
C GLY A 622 3.58 14.50 4.45
N GLN A 623 2.37 14.78 4.94
CA GLN A 623 2.19 15.62 6.11
C GLN A 623 1.09 15.12 7.03
N LEU A 624 1.26 15.39 8.33
CA LEU A 624 0.13 15.40 9.25
C LEU A 624 -0.17 16.88 9.48
N VAL A 625 -1.44 17.26 9.31
CA VAL A 625 -1.83 18.66 9.45
C VAL A 625 -2.78 18.73 10.63
N VAL A 626 -2.44 19.54 11.63
CA VAL A 626 -3.25 19.61 12.84
C VAL A 626 -4.16 20.83 12.72
N GLY A 627 -5.47 20.58 12.79
CA GLY A 627 -6.41 21.68 12.72
C GLY A 627 -7.09 21.92 14.06
N LEU A 628 -7.25 23.18 14.42
CA LEU A 628 -7.96 23.55 15.65
C LEU A 628 -9.37 24.04 15.33
N VAL A 629 -10.35 23.49 16.03
CA VAL A 629 -11.76 23.77 15.76
C VAL A 629 -12.19 25.03 16.49
N ASN A 630 -12.87 25.93 15.78
CA ASN A 630 -13.49 27.09 16.40
C ASN A 630 -14.91 26.73 16.81
N LYS A 631 -15.17 26.72 18.11
CA LYS A 631 -16.45 26.26 18.65
C LYS A 631 -17.65 27.15 18.27
N GLU A 632 -17.37 28.36 17.77
CA GLU A 632 -18.45 29.27 17.39
C GLU A 632 -19.12 28.87 16.08
N ASP A 633 -18.36 28.27 15.17
CA ASP A 633 -18.89 27.94 13.85
C ASP A 633 -18.38 26.62 13.28
N ASP A 634 -17.58 25.90 14.06
CA ASP A 634 -17.02 24.60 13.66
C ASP A 634 -16.03 24.69 12.49
N SER A 635 -15.59 25.91 12.17
CA SER A 635 -14.54 26.10 11.18
C SER A 635 -13.24 25.55 11.77
N ILE A 636 -12.28 25.23 10.90
CA ILE A 636 -11.01 24.67 11.37
C ILE A 636 -9.82 25.51 10.93
N ASP A 637 -8.99 25.91 11.89
CA ASP A 637 -7.74 26.61 11.60
C ASP A 637 -6.64 25.57 11.49
N TRP A 638 -6.17 25.32 10.26
CA TRP A 638 -5.10 24.35 10.03
C TRP A 638 -3.76 24.96 10.42
N LYS A 639 -3.40 24.73 11.67
CA LYS A 639 -2.37 25.52 12.36
C LYS A 639 -0.95 24.94 12.27
N TYR A 640 -0.82 23.61 12.29
CA TYR A 640 0.50 22.96 12.24
C TYR A 640 0.58 21.97 11.09
N HIS A 641 1.70 22.01 10.37
CA HIS A 641 1.99 21.03 9.32
C HIS A 641 3.26 20.29 9.71
N TYR A 642 3.17 18.98 9.92
CA TYR A 642 4.35 18.17 10.21
C TYR A 642 4.79 17.39 8.97
N ASP A 643 6.03 17.56 8.54
CA ASP A 643 6.55 16.83 7.39
C ASP A 643 6.97 15.41 7.81
N ILE A 644 6.30 14.40 7.27
CA ILE A 644 6.61 13.01 7.58
C ILE A 644 8.05 12.64 7.15
N ASP A 645 8.42 13.13 5.97
CA ASP A 645 9.78 12.98 5.45
C ASP A 645 9.96 14.11 4.43
N LEU A 646 11.01 14.04 3.61
CA LEU A 646 11.30 15.12 2.67
C LEU A 646 10.13 15.42 1.73
N PRO A 647 10.01 16.69 1.27
CA PRO A 647 8.95 17.01 0.32
C PRO A 647 9.06 16.19 -0.96
N SER A 648 10.25 15.71 -1.30
CA SER A 648 10.45 14.97 -2.56
C SER A 648 10.24 13.45 -2.41
N TYR A 649 10.16 12.98 -1.16
CA TYR A 649 10.04 11.54 -0.91
C TYR A 649 8.58 11.13 -0.90
N GLY A 650 8.32 9.89 -1.33
CA GLY A 650 6.97 9.44 -1.61
C GLY A 650 6.06 9.29 -0.41
N TYR A 651 4.79 9.60 -0.62
CA TYR A 651 3.77 9.44 0.41
C TYR A 651 2.42 9.39 -0.27
N ALA A 652 1.71 8.28 -0.13
CA ALA A 652 0.43 8.14 -0.82
C ALA A 652 -0.71 7.85 0.13
N TYR A 653 -1.37 6.69 -0.03
CA TYR A 653 -2.50 6.39 0.85
C TYR A 653 -1.99 6.23 2.27
N SER A 654 -2.85 6.49 3.26
CA SER A 654 -2.37 6.47 4.64
C SER A 654 -3.50 6.16 5.60
N ALA A 655 -3.10 5.73 6.80
CA ALA A 655 -4.02 5.44 7.89
C ALA A 655 -3.44 6.11 9.12
N ILE A 656 -4.29 6.71 9.93
CA ILE A 656 -3.84 7.28 11.18
CA ILE A 656 -3.86 7.33 11.17
C ILE A 656 -4.80 6.94 12.31
N THR A 657 -4.25 6.76 13.50
CA THR A 657 -5.11 6.48 14.64
C THR A 657 -4.46 7.03 15.90
N GLU A 658 -5.30 7.42 16.87
CA GLU A 658 -4.79 7.80 18.18
C GLU A 658 -4.61 6.52 18.97
N LEU A 659 -3.38 6.24 19.36
CA LEU A 659 -3.07 5.05 20.11
C LEU A 659 -3.56 5.27 21.53
N PRO A 660 -3.78 4.18 22.29
CA PRO A 660 -4.30 4.34 23.66
C PRO A 660 -3.45 5.25 24.54
N ASN A 661 -2.15 5.35 24.26
CA ASN A 661 -1.29 6.19 25.08
C ASN A 661 -1.21 7.62 24.57
N HIS A 662 -2.13 7.96 23.65
CA HIS A 662 -2.27 9.29 23.04
C HIS A 662 -1.17 9.63 22.02
N HIS A 663 -0.32 8.67 21.69
CA HIS A 663 0.59 8.83 20.56
C HIS A 663 -0.23 8.68 19.30
N ILE A 664 0.37 8.97 18.15
CA ILE A 664 -0.32 8.82 16.87
C ILE A 664 0.41 7.73 16.09
N GLY A 665 -0.33 6.72 15.61
CA GLY A 665 0.23 5.70 14.74
C GLY A 665 -0.12 6.04 13.31
N VAL A 666 0.86 5.93 12.41
CA VAL A 666 0.63 6.19 10.99
C VAL A 666 1.14 5.00 10.20
N LEU A 667 0.24 4.38 9.43
CA LEU A 667 0.59 3.31 8.50
C LEU A 667 0.35 3.85 7.09
N PHE A 668 1.39 3.91 6.26
CA PHE A 668 1.27 4.65 4.99
C PHE A 668 2.09 4.06 3.86
N GLU A 669 1.64 4.31 2.63
CA GLU A 669 2.41 3.97 1.44
C GLU A 669 3.55 4.96 1.29
N LYS A 670 4.77 4.53 1.62
CA LYS A 670 5.92 5.42 1.47
C LYS A 670 6.49 5.31 0.05
N TYR A 671 5.66 5.68 -0.92
CA TYR A 671 6.10 5.73 -2.30
C TYR A 671 4.99 6.38 -3.11
N ASP A 672 5.28 6.68 -4.35
CA ASP A 672 4.27 7.25 -5.23
C ASP A 672 3.49 6.12 -5.89
N SER A 673 2.32 5.82 -5.34
CA SER A 673 1.51 4.71 -5.84
C SER A 673 0.71 5.08 -7.10
N TRP A 674 0.93 6.29 -7.63
CA TRP A 674 0.33 6.66 -8.92
C TRP A 674 1.34 6.45 -10.04
N SER A 675 2.58 6.84 -9.76
CA SER A 675 3.65 6.86 -10.74
C SER A 675 3.84 5.53 -11.44
N ARG A 676 3.95 5.57 -12.76
CA ARG A 676 4.22 4.37 -13.54
C ARG A 676 5.68 3.93 -13.42
N ASN A 677 6.49 4.70 -12.70
CA ASN A 677 7.89 4.30 -12.47
C ASN A 677 8.09 3.56 -11.15
N GLU A 678 7.05 3.56 -10.31
CA GLU A 678 7.21 3.01 -8.94
C GLU A 678 6.24 1.88 -8.65
N LEU A 679 5.81 1.18 -9.71
CA LEU A 679 4.96 0.00 -9.53
C LEU A 679 5.75 -1.14 -8.93
N HIS A 680 5.06 -2.03 -8.23
CA HIS A 680 5.63 -3.32 -7.81
C HIS A 680 6.90 -3.17 -6.96
N LEU A 681 6.81 -2.36 -5.91
CA LEU A 681 7.85 -2.24 -4.89
C LEU A 681 7.41 -2.98 -3.63
N SER A 682 8.34 -3.69 -3.00
CA SER A 682 8.03 -4.42 -1.76
C SER A 682 8.38 -3.63 -0.50
N ASN A 683 7.61 -3.85 0.56
CA ASN A 683 7.91 -3.27 1.87
C ASN A 683 8.04 -1.76 1.88
N VAL A 684 7.09 -1.10 1.20
CA VAL A 684 7.01 0.36 1.20
C VAL A 684 5.83 0.88 2.04
N VAL A 685 4.89 0.01 2.37
CA VAL A 685 3.87 0.34 3.36
C VAL A 685 4.47 0.18 4.75
N GLN A 686 4.62 1.30 5.45
CA GLN A 686 5.41 1.33 6.69
C GLN A 686 4.66 2.05 7.80
N TYR A 687 5.04 1.72 9.03
CA TYR A 687 4.39 2.25 10.23
C TYR A 687 5.34 3.08 11.08
N ILE A 688 4.87 4.24 11.55
CA ILE A 688 5.66 5.06 12.46
C ILE A 688 4.82 5.50 13.65
N ASP A 689 5.51 5.88 14.73
CA ASP A 689 4.87 6.34 15.96
C ASP A 689 5.28 7.80 16.18
N LEU A 690 4.30 8.66 16.42
CA LEU A 690 4.56 10.08 16.62
C LEU A 690 3.86 10.56 17.90
N GLU A 691 4.37 11.62 18.51
CA GLU A 691 3.71 12.27 19.64
C GLU A 691 3.26 13.65 19.20
N ILE A 692 2.24 14.19 19.87
CA ILE A 692 1.71 15.48 19.46
C ILE A 692 2.81 16.56 19.48
N ASN A 693 3.72 16.46 20.45
CA ASN A 693 4.84 17.40 20.52
C ASN A 693 5.69 17.40 19.26
N ASP A 694 5.77 16.25 18.59
CA ASP A 694 6.55 16.18 17.35
C ASP A 694 5.90 16.98 16.24
N LEU A 695 4.57 17.09 16.31
CA LEU A 695 3.80 17.71 15.24
C LEU A 695 3.72 19.23 15.36
N THR A 696 3.78 19.75 16.58
CA THR A 696 3.43 21.13 16.86
C THR A 696 4.63 22.05 17.08
#